data_1BJN
#
_entry.id   1BJN
#
_cell.length_a   68.740
_cell.length_b   94.740
_cell.length_c   133.640
_cell.angle_alpha   90.00
_cell.angle_beta   90.00
_cell.angle_gamma   90.00
#
_symmetry.space_group_name_H-M   'P 21 21 21'
#
loop_
_entity.id
_entity.type
_entity.pdbx_description
1 polymer 'PHOSPHOSERINE AMINOTRANSFERASE'
2 water water
#
_entity_poly.entity_id   1
_entity_poly.type   'polypeptide(L)'
_entity_poly.pdbx_seq_one_letter_code
;QIFNFSSGPAMLPAEVLKQAQQELRDWNGLGTSVMEVSHRGKEFIQVAEEAEKDFRDLLNVPSNYKVLFCHGGGRGQFAA
VPLNILGDKTTADYVDAGYWAASAIKEAKKYCTPNVFDAKVTVDGLRAVKPMREWQLSDNAAYMHYCPNETIDGIAIDET
PDFGADVVVAADFSSTILSRPIDVSRYGVIYAGAQ(LLP)NIGPAGLTIVIVREDLLGKANIACPSILDYSILNDNGSMF
NTPPTFAWYLSGLVFKWLKANGGVAEMDKINQQKAELLYGVIDNSDFYRNDVAKRNRSRMNVPFQLADSALDKLFLEESF
AAGLHALKGHRVVGGMRASIYNAMPLEGVKALTDFMVEFERRHG
;
_entity_poly.pdbx_strand_id   A,B
#
# COMPACT_ATOMS: atom_id res chain seq x y z
N GLN A 1 -2.69 -27.41 -12.85
CA GLN A 1 -1.67 -28.39 -12.38
C GLN A 1 -1.09 -28.01 -11.02
N ILE A 2 -0.86 -26.71 -10.82
CA ILE A 2 -0.35 -26.22 -9.54
C ILE A 2 -1.44 -25.48 -8.76
N PHE A 3 -1.70 -25.96 -7.55
CA PHE A 3 -2.69 -25.35 -6.69
C PHE A 3 -1.99 -24.75 -5.49
N ASN A 4 -2.19 -23.46 -5.31
CA ASN A 4 -1.57 -22.69 -4.25
C ASN A 4 -2.53 -22.46 -3.07
N PHE A 5 -2.22 -23.08 -1.92
CA PHE A 5 -3.06 -22.97 -0.72
C PHE A 5 -2.58 -21.94 0.30
N SER A 6 -1.75 -21.01 -0.17
CA SER A 6 -1.20 -19.94 0.68
C SER A 6 -2.30 -19.16 1.38
N SER A 7 -2.11 -18.84 2.66
CA SER A 7 -3.12 -18.15 3.46
C SER A 7 -3.25 -16.63 3.31
N GLY A 8 -2.35 -16.01 2.56
CA GLY A 8 -2.42 -14.57 2.38
C GLY A 8 -1.06 -13.91 2.50
N PRO A 9 -0.48 -13.36 1.40
CA PRO A 9 -1.02 -13.29 0.04
C PRO A 9 -1.49 -14.65 -0.46
N ALA A 10 -2.61 -14.64 -1.18
CA ALA A 10 -3.19 -15.86 -1.68
C ALA A 10 -3.38 -15.84 -3.18
N MET A 11 -3.87 -16.96 -3.70
CA MET A 11 -4.13 -17.13 -5.11
C MET A 11 -5.20 -16.13 -5.58
N LEU A 12 -5.03 -15.64 -6.80
CA LEU A 12 -5.97 -14.71 -7.41
C LEU A 12 -6.62 -15.48 -8.54
N PRO A 13 -7.85 -15.09 -8.93
CA PRO A 13 -8.54 -15.79 -10.02
C PRO A 13 -7.62 -15.86 -11.25
N ALA A 14 -7.44 -17.06 -11.79
CA ALA A 14 -6.59 -17.26 -12.95
C ALA A 14 -6.94 -16.33 -14.12
N GLU A 15 -8.24 -16.17 -14.38
CA GLU A 15 -8.69 -15.31 -15.48
C GLU A 15 -8.33 -13.85 -15.25
N VAL A 16 -8.34 -13.42 -14.00
CA VAL A 16 -7.99 -12.04 -13.66
C VAL A 16 -6.51 -11.78 -13.95
N LEU A 17 -5.65 -12.73 -13.62
CA LEU A 17 -4.23 -12.60 -13.85
C LEU A 17 -3.88 -12.66 -15.34
N LYS A 18 -4.67 -13.40 -16.12
CA LYS A 18 -4.44 -13.46 -17.56
C LYS A 18 -4.65 -12.07 -18.15
N GLN A 19 -5.73 -11.42 -17.74
CA GLN A 19 -6.05 -10.07 -18.21
C GLN A 19 -5.00 -9.05 -17.77
N ALA A 20 -4.62 -9.09 -16.50
CA ALA A 20 -3.63 -8.15 -15.97
C ALA A 20 -2.29 -8.28 -16.70
N GLN A 21 -1.93 -9.52 -17.04
CA GLN A 21 -0.70 -9.80 -17.74
C GLN A 21 -0.71 -9.20 -19.15
N GLN A 22 -1.76 -9.49 -19.90
CA GLN A 22 -1.89 -8.98 -21.27
C GLN A 22 -1.88 -7.47 -21.35
N GLU A 23 -2.52 -6.81 -20.40
CA GLU A 23 -2.58 -5.34 -20.39
C GLU A 23 -1.48 -4.68 -19.56
N LEU A 24 -0.55 -5.48 -19.02
CA LEU A 24 0.48 -4.89 -18.18
C LEU A 24 1.25 -3.70 -18.77
N ARG A 25 1.51 -3.71 -20.07
CA ARG A 25 2.24 -2.61 -20.66
C ARG A 25 1.44 -1.65 -21.54
N ASP A 26 0.24 -2.05 -21.92
CA ASP A 26 -0.62 -1.22 -22.75
C ASP A 26 -2.07 -1.39 -22.29
N TRP A 27 -2.47 -0.61 -21.29
CA TRP A 27 -3.81 -0.67 -20.72
C TRP A 27 -4.73 0.35 -21.39
N ASN A 28 -5.93 -0.09 -21.79
CA ASN A 28 -6.91 0.80 -22.43
C ASN A 28 -6.41 1.49 -23.69
N GLY A 29 -5.54 0.81 -24.46
CA GLY A 29 -5.01 1.42 -25.67
C GLY A 29 -4.29 2.72 -25.40
N LEU A 30 -3.88 2.94 -24.15
CA LEU A 30 -3.15 4.15 -23.77
C LEU A 30 -1.67 4.06 -24.08
N GLY A 31 -1.19 2.85 -24.33
CA GLY A 31 0.22 2.65 -24.63
C GLY A 31 1.08 2.71 -23.39
N THR A 32 0.44 2.66 -22.22
CA THR A 32 1.11 2.69 -20.91
C THR A 32 0.38 1.73 -19.97
N SER A 33 1.01 1.40 -18.84
CA SER A 33 0.42 0.51 -17.84
C SER A 33 -0.52 1.29 -16.90
N VAL A 34 -1.38 0.56 -16.17
CA VAL A 34 -2.28 1.19 -15.21
C VAL A 34 -1.41 1.80 -14.10
N MET A 35 -0.22 1.23 -13.93
CA MET A 35 0.76 1.66 -12.93
C MET A 35 1.47 2.96 -13.29
N GLU A 36 1.41 3.33 -14.55
CA GLU A 36 2.08 4.53 -15.01
C GLU A 36 1.21 5.76 -15.24
N VAL A 37 -0.10 5.65 -15.01
CA VAL A 37 -0.98 6.80 -15.20
C VAL A 37 -1.34 7.48 -13.89
N SER A 38 -1.70 8.75 -13.97
CA SER A 38 -2.08 9.52 -12.79
C SER A 38 -3.38 9.01 -12.19
N HIS A 39 -3.46 9.05 -10.86
CA HIS A 39 -4.66 8.62 -10.14
C HIS A 39 -5.74 9.69 -10.24
N ARG A 40 -5.38 10.85 -10.80
CA ARG A 40 -6.33 11.93 -10.98
C ARG A 40 -6.77 12.07 -12.44
N GLY A 41 -6.23 11.20 -13.30
CA GLY A 41 -6.60 11.21 -14.70
C GLY A 41 -7.99 10.58 -14.83
N LYS A 42 -8.73 11.01 -15.84
CA LYS A 42 -10.08 10.50 -16.09
C LYS A 42 -10.16 8.97 -16.15
N GLU A 43 -9.16 8.35 -16.74
CA GLU A 43 -9.13 6.89 -16.89
C GLU A 43 -9.14 6.11 -15.59
N PHE A 44 -8.19 6.43 -14.70
CA PHE A 44 -8.12 5.74 -13.42
C PHE A 44 -9.30 6.07 -12.51
N ILE A 45 -9.77 7.32 -12.57
CA ILE A 45 -10.90 7.73 -11.75
C ILE A 45 -12.12 6.87 -12.08
N GLN A 46 -12.21 6.45 -13.34
CA GLN A 46 -13.34 5.61 -13.73
C GLN A 46 -13.18 4.18 -13.19
N VAL A 47 -11.96 3.68 -13.20
CA VAL A 47 -11.66 2.34 -12.69
C VAL A 47 -12.01 2.30 -11.20
N ALA A 48 -11.67 3.36 -10.48
CA ALA A 48 -11.93 3.47 -9.06
C ALA A 48 -13.42 3.58 -8.74
N GLU A 49 -14.17 4.25 -9.60
CA GLU A 49 -15.60 4.42 -9.38
C GLU A 49 -16.36 3.14 -9.67
N GLU A 50 -15.86 2.36 -10.62
CA GLU A 50 -16.52 1.10 -10.93
C GLU A 50 -16.21 0.05 -9.91
N ALA A 51 -14.98 0.06 -9.39
CA ALA A 51 -14.58 -0.88 -8.37
C ALA A 51 -15.51 -0.70 -7.16
N GLU A 52 -15.69 0.54 -6.74
CA GLU A 52 -16.57 0.82 -5.60
C GLU A 52 -18.00 0.39 -5.88
N LYS A 53 -18.48 0.73 -7.07
CA LYS A 53 -19.83 0.38 -7.46
C LYS A 53 -20.03 -1.13 -7.48
N ASP A 54 -19.13 -1.86 -8.12
CA ASP A 54 -19.22 -3.31 -8.19
C ASP A 54 -19.24 -3.95 -6.82
N PHE A 55 -18.38 -3.45 -5.93
CA PHE A 55 -18.28 -3.95 -4.57
C PHE A 55 -19.59 -3.74 -3.81
N ARG A 56 -20.20 -2.55 -3.97
CA ARG A 56 -21.46 -2.21 -3.32
C ARG A 56 -22.59 -3.11 -3.79
N ASP A 57 -22.56 -3.46 -5.08
CA ASP A 57 -23.58 -4.34 -5.65
C ASP A 57 -23.42 -5.76 -5.12
N LEU A 58 -22.17 -6.23 -5.11
CA LEU A 58 -21.84 -7.56 -4.64
C LEU A 58 -22.35 -7.88 -3.24
N LEU A 59 -22.13 -6.94 -2.31
CA LEU A 59 -22.55 -7.13 -0.93
C LEU A 59 -23.79 -6.36 -0.52
N ASN A 60 -24.43 -5.67 -1.47
CA ASN A 60 -25.63 -4.88 -1.20
C ASN A 60 -25.39 -3.89 -0.07
N VAL A 61 -24.40 -3.02 -0.25
CA VAL A 61 -24.07 -2.01 0.75
C VAL A 61 -25.07 -0.85 0.62
N PRO A 62 -25.83 -0.55 1.70
CA PRO A 62 -26.82 0.53 1.70
C PRO A 62 -26.19 1.91 1.43
N SER A 63 -27.04 2.87 1.09
CA SER A 63 -26.61 4.23 0.77
C SER A 63 -25.98 4.99 1.94
N ASN A 64 -26.34 4.61 3.17
CA ASN A 64 -25.80 5.29 4.34
C ASN A 64 -24.42 4.78 4.78
N TYR A 65 -23.74 4.04 3.90
CA TYR A 65 -22.41 3.51 4.19
C TYR A 65 -21.41 4.05 3.18
N LYS A 66 -20.20 4.33 3.65
CA LYS A 66 -19.14 4.79 2.78
C LYS A 66 -18.19 3.62 2.58
N VAL A 67 -17.68 3.47 1.36
CA VAL A 67 -16.73 2.41 1.05
C VAL A 67 -15.41 3.12 0.77
N LEU A 68 -14.40 2.86 1.59
CA LEU A 68 -13.09 3.49 1.47
C LEU A 68 -12.00 2.51 1.08
N PHE A 69 -11.05 2.97 0.26
CA PHE A 69 -9.91 2.18 -0.17
C PHE A 69 -8.67 2.85 0.41
N CYS A 70 -7.96 2.14 1.29
CA CYS A 70 -6.78 2.73 1.92
C CYS A 70 -5.55 1.88 2.11
N HIS A 71 -4.50 2.53 2.61
CA HIS A 71 -3.22 1.91 2.87
C HIS A 71 -3.22 1.32 4.29
N GLY A 72 -2.22 0.51 4.62
CA GLY A 72 -2.11 -0.03 5.96
C GLY A 72 -2.40 -1.49 6.27
N GLY A 73 -3.21 -2.14 5.44
CA GLY A 73 -3.56 -3.54 5.68
C GLY A 73 -4.46 -3.66 6.89
N GLY A 74 -4.75 -4.91 7.28
CA GLY A 74 -5.61 -5.17 8.43
C GLY A 74 -5.09 -4.63 9.76
N ARG A 75 -3.77 -4.69 9.96
CA ARG A 75 -3.19 -4.19 11.20
C ARG A 75 -3.17 -2.67 11.26
N GLY A 76 -3.39 -2.02 10.12
CA GLY A 76 -3.46 -0.57 10.09
C GLY A 76 -4.83 -0.15 10.63
N GLN A 77 -5.80 -1.04 10.47
CA GLN A 77 -7.16 -0.79 10.96
C GLN A 77 -7.32 -1.07 12.45
N PHE A 78 -6.40 -1.86 13.02
CA PHE A 78 -6.44 -2.17 14.45
C PHE A 78 -6.22 -0.85 15.19
N ALA A 79 -5.54 0.08 14.52
CA ALA A 79 -5.28 1.41 15.07
C ALA A 79 -6.31 2.42 14.56
N ALA A 80 -6.68 2.30 13.28
CA ALA A 80 -7.63 3.22 12.67
C ALA A 80 -9.02 3.21 13.31
N VAL A 81 -9.52 2.03 13.65
CA VAL A 81 -10.84 1.92 14.28
C VAL A 81 -10.93 2.76 15.56
N PRO A 82 -10.00 2.53 16.53
CA PRO A 82 -10.01 3.29 17.79
C PRO A 82 -9.78 4.80 17.54
N LEU A 83 -8.86 5.10 16.64
CA LEU A 83 -8.54 6.48 16.32
C LEU A 83 -9.71 7.24 15.68
N ASN A 84 -10.61 6.51 15.04
CA ASN A 84 -11.74 7.12 14.35
C ASN A 84 -13.11 7.14 15.05
N ILE A 85 -13.53 6.01 15.60
CA ILE A 85 -14.85 5.92 16.22
C ILE A 85 -14.92 5.83 17.75
N LEU A 86 -13.83 6.13 18.42
CA LEU A 86 -13.82 6.10 19.87
C LEU A 86 -14.52 7.35 20.41
N GLY A 87 -14.26 8.49 19.75
CA GLY A 87 -14.86 9.75 20.16
C GLY A 87 -14.42 10.19 21.55
N ASP A 88 -15.40 10.56 22.37
CA ASP A 88 -15.18 11.02 23.74
C ASP A 88 -14.91 9.91 24.73
N LYS A 89 -15.42 8.72 24.41
CA LYS A 89 -15.30 7.56 25.27
C LYS A 89 -13.89 7.02 25.38
N THR A 90 -13.62 6.36 26.49
CA THR A 90 -12.29 5.82 26.75
C THR A 90 -12.24 4.30 26.83
N THR A 91 -13.34 3.65 26.48
CA THR A 91 -13.39 2.19 26.53
C THR A 91 -14.16 1.63 25.33
N ALA A 92 -13.85 0.39 24.99
CA ALA A 92 -14.50 -0.30 23.88
C ALA A 92 -14.48 -1.79 24.19
N ASP A 93 -15.51 -2.52 23.76
CA ASP A 93 -15.57 -3.95 24.00
C ASP A 93 -14.90 -4.75 22.91
N TYR A 94 -14.05 -5.69 23.30
CA TYR A 94 -13.32 -6.53 22.36
C TYR A 94 -13.53 -7.99 22.65
N VAL A 95 -14.12 -8.71 21.69
CA VAL A 95 -14.35 -10.14 21.84
C VAL A 95 -13.14 -10.91 21.32
N ASP A 96 -12.57 -11.75 22.18
CA ASP A 96 -11.39 -12.54 21.85
C ASP A 96 -11.73 -14.00 21.58
N ALA A 97 -11.46 -14.46 20.35
CA ALA A 97 -11.71 -15.85 19.99
C ALA A 97 -10.63 -16.40 19.05
N GLY A 98 -9.48 -15.74 19.04
CA GLY A 98 -8.40 -16.21 18.18
C GLY A 98 -7.26 -15.22 18.12
N TYR A 99 -6.27 -15.55 17.31
CA TYR A 99 -5.08 -14.73 17.14
C TYR A 99 -5.32 -13.28 16.69
N TRP A 100 -6.06 -13.12 15.59
CA TRP A 100 -6.35 -11.79 15.05
C TRP A 100 -7.17 -10.91 15.98
N ALA A 101 -8.16 -11.52 16.64
CA ALA A 101 -8.99 -10.80 17.58
C ALA A 101 -8.14 -10.29 18.74
N ALA A 102 -7.17 -11.11 19.15
CA ALA A 102 -6.27 -10.75 20.24
C ALA A 102 -5.26 -9.67 19.83
N SER A 103 -4.81 -9.73 18.57
CA SER A 103 -3.85 -8.75 18.05
C SER A 103 -4.49 -7.36 18.01
N ALA A 104 -5.79 -7.33 17.71
CA ALA A 104 -6.55 -6.10 17.65
C ALA A 104 -6.65 -5.48 19.05
N ILE A 105 -6.80 -6.35 20.06
CA ILE A 105 -6.88 -5.93 21.45
C ILE A 105 -5.56 -5.29 21.90
N LYS A 106 -4.45 -5.87 21.43
CA LYS A 106 -3.13 -5.37 21.78
C LYS A 106 -2.88 -3.96 21.26
N GLU A 107 -3.31 -3.70 20.02
CA GLU A 107 -3.14 -2.38 19.41
C GLU A 107 -4.09 -1.36 20.05
N ALA A 108 -5.30 -1.80 20.39
CA ALA A 108 -6.31 -0.94 21.01
C ALA A 108 -5.87 -0.35 22.35
N LYS A 109 -4.93 -1.00 23.03
CA LYS A 109 -4.42 -0.54 24.33
C LYS A 109 -3.66 0.76 24.23
N LYS A 110 -3.20 1.10 23.04
CA LYS A 110 -2.46 2.34 22.79
C LYS A 110 -3.41 3.54 22.77
N TYR A 111 -4.71 3.26 22.60
CA TYR A 111 -5.71 4.32 22.50
C TYR A 111 -6.81 4.34 23.56
N CYS A 112 -7.02 3.22 24.24
CA CYS A 112 -8.08 3.13 25.24
C CYS A 112 -7.82 1.92 26.12
N THR A 113 -8.71 1.69 27.08
CA THR A 113 -8.60 0.50 27.91
C THR A 113 -9.78 -0.34 27.47
N PRO A 114 -9.50 -1.37 26.66
CA PRO A 114 -10.51 -2.28 26.13
C PRO A 114 -11.06 -3.28 27.15
N ASN A 115 -12.37 -3.49 27.14
CA ASN A 115 -12.99 -4.46 28.03
C ASN A 115 -12.95 -5.76 27.23
N VAL A 116 -12.03 -6.66 27.56
CA VAL A 116 -11.91 -7.92 26.85
C VAL A 116 -12.92 -8.99 27.30
N PHE A 117 -13.49 -9.71 26.34
CA PHE A 117 -14.42 -10.79 26.63
C PHE A 117 -13.92 -12.04 25.92
N ASP A 118 -13.53 -13.05 26.69
CA ASP A 118 -13.03 -14.31 26.17
C ASP A 118 -14.21 -15.18 25.75
N ALA A 119 -14.40 -15.35 24.44
CA ALA A 119 -15.51 -16.15 23.93
C ALA A 119 -15.11 -17.60 23.57
N LYS A 120 -13.88 -17.97 23.89
CA LYS A 120 -13.40 -19.31 23.60
C LYS A 120 -13.93 -20.35 24.60
N VAL A 121 -14.51 -21.44 24.07
CA VAL A 121 -15.02 -22.53 24.89
C VAL A 121 -14.67 -23.86 24.20
N THR A 122 -14.50 -24.91 25.00
CA THR A 122 -14.20 -26.24 24.49
C THR A 122 -15.41 -27.13 24.78
N VAL A 123 -16.19 -27.43 23.75
CA VAL A 123 -17.37 -28.29 23.88
C VAL A 123 -17.08 -29.66 23.24
N ASP A 124 -17.10 -30.70 24.07
CA ASP A 124 -16.84 -32.09 23.63
C ASP A 124 -15.40 -32.26 23.16
N GLY A 125 -14.48 -31.53 23.77
CA GLY A 125 -13.07 -31.60 23.39
C GLY A 125 -12.79 -30.83 22.11
N LEU A 126 -13.85 -30.27 21.50
CA LEU A 126 -13.74 -29.51 20.26
C LEU A 126 -13.81 -28.01 20.54
N ARG A 127 -12.96 -27.24 19.88
CA ARG A 127 -12.92 -25.79 20.07
C ARG A 127 -14.11 -25.08 19.42
N ALA A 128 -14.83 -24.30 20.23
CA ALA A 128 -16.02 -23.56 19.78
C ALA A 128 -16.02 -22.13 20.32
N VAL A 129 -17.04 -21.37 19.95
CA VAL A 129 -17.17 -19.98 20.39
C VAL A 129 -18.54 -19.80 21.03
N LYS A 130 -18.61 -19.01 22.09
CA LYS A 130 -19.87 -18.75 22.79
C LYS A 130 -20.83 -18.00 21.85
N PRO A 131 -22.14 -18.31 21.92
CA PRO A 131 -23.13 -17.63 21.08
C PRO A 131 -23.10 -16.14 21.44
N MET A 132 -23.41 -15.28 20.48
CA MET A 132 -23.39 -13.84 20.74
C MET A 132 -24.30 -13.39 21.87
N ARG A 133 -25.42 -14.08 22.07
CA ARG A 133 -26.37 -13.73 23.14
C ARG A 133 -25.72 -13.78 24.52
N GLU A 134 -24.63 -14.54 24.62
CA GLU A 134 -23.90 -14.68 25.87
C GLU A 134 -22.72 -13.72 26.02
N TRP A 135 -22.48 -12.89 25.01
CA TRP A 135 -21.38 -11.92 25.05
C TRP A 135 -21.73 -10.76 25.97
N GLN A 136 -20.80 -10.42 26.85
CA GLN A 136 -21.00 -9.34 27.81
C GLN A 136 -20.42 -8.01 27.38
N LEU A 137 -21.30 -7.14 26.91
CA LEU A 137 -20.92 -5.81 26.47
C LEU A 137 -21.06 -4.84 27.64
N SER A 138 -20.25 -3.78 27.64
CA SER A 138 -20.31 -2.80 28.73
C SER A 138 -21.19 -1.62 28.35
N ASP A 139 -21.70 -0.91 29.35
CA ASP A 139 -22.59 0.24 29.17
C ASP A 139 -21.95 1.43 28.45
N ASN A 140 -20.77 1.76 28.96
CA ASN A 140 -19.95 2.89 28.54
C ASN A 140 -19.17 2.80 27.20
N ALA A 141 -19.16 1.64 26.56
CA ALA A 141 -18.37 1.41 25.34
C ALA A 141 -18.71 2.19 24.07
N ALA A 142 -17.66 2.57 23.34
CA ALA A 142 -17.78 3.30 22.09
C ALA A 142 -18.23 2.34 21.00
N TYR A 143 -17.73 1.12 21.05
CA TYR A 143 -18.08 0.09 20.08
C TYR A 143 -17.70 -1.29 20.59
N MET A 144 -18.05 -2.30 19.80
CA MET A 144 -17.76 -3.69 20.11
C MET A 144 -17.02 -4.24 18.89
N HIS A 145 -15.86 -4.85 19.13
CA HIS A 145 -15.04 -5.40 18.07
C HIS A 145 -14.86 -6.91 18.15
N TYR A 146 -14.94 -7.57 17.01
CA TYR A 146 -14.75 -9.01 16.94
C TYR A 146 -14.26 -9.42 15.54
N CYS A 147 -13.73 -10.64 15.45
CA CYS A 147 -13.22 -11.16 14.19
C CYS A 147 -13.99 -12.42 13.81
N PRO A 148 -14.81 -12.34 12.75
CA PRO A 148 -15.63 -13.46 12.25
C PRO A 148 -14.91 -14.64 11.59
N ASN A 149 -13.61 -14.51 11.32
CA ASN A 149 -12.85 -15.60 10.72
C ASN A 149 -11.38 -15.53 11.08
N GLU A 150 -10.94 -16.48 11.90
CA GLU A 150 -9.56 -16.57 12.36
C GLU A 150 -8.78 -17.53 11.47
N THR A 151 -7.87 -16.98 10.66
CA THR A 151 -7.06 -17.77 9.71
C THR A 151 -6.13 -18.81 10.28
N ILE A 152 -5.63 -18.58 11.48
CA ILE A 152 -4.70 -19.50 12.13
C ILE A 152 -5.42 -20.66 12.80
N ASP A 153 -6.50 -20.34 13.50
CA ASP A 153 -7.30 -21.31 14.23
C ASP A 153 -8.33 -22.07 13.39
N GLY A 154 -8.70 -21.49 12.26
CA GLY A 154 -9.70 -22.12 11.40
C GLY A 154 -11.06 -22.00 12.05
N ILE A 155 -11.24 -20.94 12.84
CA ILE A 155 -12.49 -20.68 13.54
C ILE A 155 -13.32 -19.56 12.88
N ALA A 156 -14.63 -19.77 12.78
CA ALA A 156 -15.52 -18.80 12.18
C ALA A 156 -16.76 -18.56 13.01
N ILE A 157 -17.16 -17.31 13.10
CA ILE A 157 -18.37 -16.91 13.81
C ILE A 157 -19.26 -16.36 12.69
N ASP A 158 -20.19 -17.20 12.20
CA ASP A 158 -21.09 -16.85 11.11
C ASP A 158 -22.36 -16.12 11.56
N GLU A 159 -22.61 -16.21 12.86
CA GLU A 159 -23.76 -15.60 13.50
C GLU A 159 -23.88 -14.11 13.15
N THR A 160 -25.08 -13.66 12.81
CA THR A 160 -25.33 -12.27 12.46
C THR A 160 -25.55 -11.46 13.74
N PRO A 161 -24.79 -10.36 13.91
CA PRO A 161 -24.93 -9.50 15.10
C PRO A 161 -26.34 -8.94 15.19
N ASP A 162 -26.89 -8.89 16.39
CA ASP A 162 -28.23 -8.36 16.61
C ASP A 162 -28.31 -7.74 17.98
N PHE A 163 -27.47 -6.75 18.21
CA PHE A 163 -27.45 -6.04 19.48
C PHE A 163 -28.32 -4.80 19.33
N GLY A 164 -28.43 -4.01 20.40
CA GLY A 164 -29.26 -2.82 20.34
C GLY A 164 -28.87 -1.86 19.24
N ALA A 165 -29.68 -0.83 19.01
CA ALA A 165 -29.38 0.16 18.00
C ALA A 165 -28.29 1.06 18.57
N ASP A 166 -27.96 0.85 19.85
CA ASP A 166 -26.95 1.67 20.48
C ASP A 166 -25.59 1.00 20.63
N VAL A 167 -25.45 -0.16 20.00
CA VAL A 167 -24.19 -0.89 20.00
C VAL A 167 -23.59 -0.80 18.60
N VAL A 168 -22.38 -0.25 18.51
CA VAL A 168 -21.68 -0.10 17.23
C VAL A 168 -20.76 -1.32 17.07
N VAL A 169 -20.97 -2.10 16.02
CA VAL A 169 -20.16 -3.28 15.78
C VAL A 169 -19.06 -3.02 14.75
N ALA A 170 -17.82 -3.33 15.11
CA ALA A 170 -16.68 -3.18 14.21
C ALA A 170 -16.16 -4.61 14.01
N ALA A 171 -15.90 -5.00 12.77
CA ALA A 171 -15.45 -6.36 12.51
C ALA A 171 -14.33 -6.51 11.48
N ASP A 172 -13.46 -7.48 11.72
CA ASP A 172 -12.32 -7.78 10.85
C ASP A 172 -12.72 -8.92 9.91
N PHE A 173 -13.12 -8.55 8.70
CA PHE A 173 -13.54 -9.50 7.68
C PHE A 173 -12.44 -9.87 6.69
N SER A 174 -11.19 -9.59 7.03
CA SER A 174 -10.07 -9.86 6.13
C SER A 174 -10.06 -11.18 5.38
N SER A 175 -10.29 -12.28 6.08
CA SER A 175 -10.25 -13.60 5.46
C SER A 175 -11.57 -14.27 5.11
N THR A 176 -12.66 -13.51 5.09
CA THR A 176 -13.93 -14.12 4.75
C THR A 176 -14.86 -13.25 3.92
N ILE A 177 -14.54 -11.97 3.80
CA ILE A 177 -15.39 -11.06 3.03
C ILE A 177 -15.57 -11.56 1.60
N LEU A 178 -16.80 -11.46 1.10
CA LEU A 178 -17.19 -11.90 -0.24
C LEU A 178 -17.33 -13.42 -0.41
N SER A 179 -17.18 -14.18 0.67
CA SER A 179 -17.32 -15.63 0.59
C SER A 179 -18.78 -16.06 0.79
N ARG A 180 -19.55 -15.21 1.46
CA ARG A 180 -20.95 -15.48 1.73
C ARG A 180 -21.70 -14.17 1.88
N PRO A 181 -23.04 -14.19 1.72
CA PRO A 181 -23.82 -12.95 1.85
C PRO A 181 -23.89 -12.51 3.31
N ILE A 182 -23.76 -11.21 3.54
CA ILE A 182 -23.86 -10.68 4.91
C ILE A 182 -24.80 -9.46 4.93
N ASP A 183 -25.33 -9.15 6.10
CA ASP A 183 -26.21 -8.01 6.26
C ASP A 183 -25.34 -6.88 6.82
N VAL A 184 -24.90 -6.01 5.91
CA VAL A 184 -24.05 -4.87 6.23
C VAL A 184 -24.69 -3.89 7.21
N SER A 185 -26.01 -3.75 7.15
CA SER A 185 -26.75 -2.82 8.01
C SER A 185 -26.65 -3.13 9.50
N ARG A 186 -26.16 -4.32 9.84
CA ARG A 186 -25.99 -4.72 11.24
C ARG A 186 -24.68 -4.22 11.82
N TYR A 187 -23.80 -3.72 10.94
CA TYR A 187 -22.48 -3.25 11.36
C TYR A 187 -22.25 -1.76 11.32
N GLY A 188 -21.23 -1.33 12.06
CA GLY A 188 -20.84 0.06 12.07
C GLY A 188 -19.63 0.19 11.17
N VAL A 189 -18.68 -0.73 11.34
CA VAL A 189 -17.45 -0.75 10.54
C VAL A 189 -17.09 -2.18 10.13
N ILE A 190 -16.76 -2.36 8.86
CA ILE A 190 -16.35 -3.65 8.32
C ILE A 190 -15.06 -3.35 7.58
N TYR A 191 -13.97 -4.00 7.95
CA TYR A 191 -12.72 -3.76 7.25
C TYR A 191 -12.07 -5.07 6.82
N ALA A 192 -11.28 -4.99 5.76
CA ALA A 192 -10.65 -6.19 5.25
C ALA A 192 -9.45 -5.89 4.36
N GLY A 193 -8.33 -6.47 4.77
CA GLY A 193 -7.10 -6.43 3.96
C GLY A 193 -7.47 -7.18 2.68
N ALA A 194 -6.99 -6.73 1.57
CA ALA A 194 -7.40 -7.30 0.29
C ALA A 194 -6.73 -8.64 -0.08
N GLN A 195 -5.62 -8.95 0.55
CA GLN A 195 -4.77 -10.08 0.11
C GLN A 195 -5.28 -11.52 0.32
N1 LLP A 196 -6.82 -10.07 10.39
C2 LLP A 196 -7.18 -11.15 9.70
C2' LLP A 196 -8.46 -11.87 10.00
C3 LLP A 196 -6.29 -11.58 8.65
O3 LLP A 196 -6.64 -12.60 7.90
C4 LLP A 196 -5.11 -10.87 8.37
C4' LLP A 196 -4.29 -11.36 7.16
C5 LLP A 196 -4.81 -9.73 9.16
C6 LLP A 196 -5.71 -9.37 10.14
C5' LLP A 196 -3.54 -8.92 8.90
OP4 LLP A 196 -3.57 -8.30 7.63
P LLP A 196 -2.30 -7.37 7.26
OP1 LLP A 196 -1.08 -8.25 7.34
OP2 LLP A 196 -2.22 -6.31 8.39
OP3 LLP A 196 -2.64 -6.70 5.95
N LLP A 196 -6.52 -11.58 0.78
CA LLP A 196 -7.06 -12.87 1.09
CB LLP A 196 -7.34 -13.05 2.59
CG LLP A 196 -6.16 -12.49 3.48
CD LLP A 196 -5.38 -13.44 4.22
CE LLP A 196 -4.36 -12.79 5.09
NZ LLP A 196 -4.95 -12.34 6.28
C LLP A 196 -8.22 -13.33 0.16
O LLP A 196 -8.15 -14.42 -0.41
N ASN A 197 -9.19 -12.47 -0.22
CA ASN A 197 -10.38 -12.70 -1.02
C ASN A 197 -10.73 -11.57 -2.01
N ILE A 198 -10.11 -10.40 -1.84
CA ILE A 198 -10.41 -9.24 -2.69
C ILE A 198 -9.40 -8.93 -3.81
N GLY A 199 -8.12 -8.87 -3.46
CA GLY A 199 -7.10 -8.58 -4.46
C GLY A 199 -5.69 -8.83 -3.94
N PRO A 200 -4.73 -8.04 -4.42
CA PRO A 200 -3.34 -8.19 -3.97
C PRO A 200 -3.10 -7.41 -2.69
N ALA A 201 -1.97 -7.67 -2.04
CA ALA A 201 -1.62 -7.00 -0.82
C ALA A 201 -1.33 -5.53 -1.10
N GLY A 202 -1.53 -4.69 -0.10
CA GLY A 202 -1.28 -3.27 -0.27
C GLY A 202 -2.51 -2.39 -0.28
N LEU A 203 -3.69 -3.00 -0.29
CA LEU A 203 -4.95 -2.28 -0.29
C LEU A 203 -5.87 -2.81 0.80
N THR A 204 -6.65 -1.92 1.42
CA THR A 204 -7.58 -2.29 2.47
C THR A 204 -8.92 -1.65 2.16
N ILE A 205 -10.00 -2.40 2.38
CA ILE A 205 -11.32 -1.87 2.13
C ILE A 205 -12.06 -1.70 3.46
N VAL A 206 -12.65 -0.52 3.64
CA VAL A 206 -13.39 -0.20 4.86
C VAL A 206 -14.80 0.26 4.52
N ILE A 207 -15.79 -0.28 5.23
CA ILE A 207 -17.19 0.09 5.04
C ILE A 207 -17.60 0.76 6.35
N VAL A 208 -17.85 2.07 6.29
CA VAL A 208 -18.20 2.85 7.48
C VAL A 208 -19.60 3.42 7.40
N ARG A 209 -20.34 3.32 8.50
CA ARG A 209 -21.68 3.88 8.57
C ARG A 209 -21.44 5.38 8.68
N GLU A 210 -22.10 6.17 7.84
CA GLU A 210 -21.86 7.60 7.80
C GLU A 210 -21.92 8.42 9.08
N ASP A 211 -22.88 8.15 9.96
CA ASP A 211 -23.00 8.89 11.21
C ASP A 211 -21.83 8.70 12.17
N LEU A 212 -20.96 7.74 11.87
CA LEU A 212 -19.79 7.46 12.69
C LEU A 212 -18.61 8.34 12.29
N LEU A 213 -18.75 9.06 11.19
CA LEU A 213 -17.70 9.94 10.71
C LEU A 213 -17.73 11.26 11.48
N GLY A 214 -16.65 12.04 11.37
CA GLY A 214 -16.61 13.34 12.04
C GLY A 214 -16.16 13.42 13.47
N LYS A 215 -15.70 12.31 14.04
CA LYS A 215 -15.25 12.33 15.44
C LYS A 215 -13.89 11.70 15.65
N ALA A 216 -13.05 11.74 14.60
CA ALA A 216 -11.72 11.15 14.68
C ALA A 216 -10.87 11.92 15.68
N ASN A 217 -9.90 11.23 16.24
CA ASN A 217 -8.96 11.82 17.19
C ASN A 217 -8.05 12.73 16.37
N ILE A 218 -7.55 13.81 16.96
CA ILE A 218 -6.67 14.72 16.24
C ILE A 218 -5.31 14.09 15.93
N ALA A 219 -4.97 13.04 16.68
CA ALA A 219 -3.70 12.35 16.49
C ALA A 219 -3.73 11.35 15.34
N CYS A 220 -4.91 11.10 14.79
CA CYS A 220 -5.06 10.16 13.70
C CYS A 220 -4.40 10.69 12.43
N PRO A 221 -3.44 9.92 11.85
CA PRO A 221 -2.78 10.38 10.63
C PRO A 221 -3.88 10.55 9.57
N SER A 222 -3.82 11.64 8.81
CA SER A 222 -4.83 11.90 7.79
C SER A 222 -5.09 10.74 6.82
N ILE A 223 -4.07 9.94 6.51
CA ILE A 223 -4.24 8.80 5.60
C ILE A 223 -5.12 7.69 6.18
N LEU A 224 -5.33 7.73 7.49
CA LEU A 224 -6.16 6.74 8.18
C LEU A 224 -7.49 7.32 8.67
N ASP A 225 -7.64 8.63 8.51
CA ASP A 225 -8.84 9.36 8.93
C ASP A 225 -9.96 9.07 7.91
N TYR A 226 -11.01 8.40 8.37
CA TYR A 226 -12.16 8.05 7.53
C TYR A 226 -12.85 9.25 6.89
N SER A 227 -12.92 10.36 7.62
CA SER A 227 -13.56 11.58 7.15
C SER A 227 -12.79 12.18 6.00
N ILE A 228 -11.48 12.20 6.15
CA ILE A 228 -10.59 12.73 5.13
C ILE A 228 -10.61 11.85 3.89
N LEU A 229 -10.61 10.55 4.09
CA LEU A 229 -10.65 9.61 2.99
C LEU A 229 -11.97 9.75 2.24
N ASN A 230 -13.06 9.86 2.99
CA ASN A 230 -14.38 10.01 2.42
C ASN A 230 -14.49 11.32 1.63
N ASP A 231 -14.08 12.42 2.25
CA ASP A 231 -14.12 13.72 1.59
C ASP A 231 -13.36 13.74 0.27
N ASN A 232 -12.24 13.03 0.21
CA ASN A 232 -11.41 12.99 -0.98
C ASN A 232 -11.57 11.77 -1.88
N GLY A 233 -12.63 11.00 -1.68
CA GLY A 233 -12.89 9.83 -2.49
C GLY A 233 -11.77 8.82 -2.46
N SER A 234 -11.21 8.61 -1.27
CA SER A 234 -10.10 7.70 -1.04
C SER A 234 -8.86 8.09 -1.83
N MET A 235 -8.79 9.36 -2.20
CA MET A 235 -7.66 9.86 -2.95
C MET A 235 -7.09 11.13 -2.36
N PHE A 236 -6.97 11.11 -1.04
CA PHE A 236 -6.37 12.22 -0.30
C PHE A 236 -4.91 12.27 -0.73
N ASN A 237 -4.32 11.09 -0.92
CA ASN A 237 -2.94 10.98 -1.39
C ASN A 237 -2.95 9.90 -2.47
N THR A 238 -1.80 9.63 -3.08
CA THR A 238 -1.75 8.61 -4.13
C THR A 238 -2.09 7.23 -3.55
N PRO A 239 -3.14 6.59 -4.08
CA PRO A 239 -3.53 5.27 -3.58
C PRO A 239 -2.76 4.16 -4.29
N PRO A 240 -2.82 2.91 -3.78
CA PRO A 240 -2.10 1.84 -4.47
C PRO A 240 -2.95 1.51 -5.70
N THR A 241 -2.66 2.21 -6.80
CA THR A 241 -3.40 2.09 -8.05
C THR A 241 -3.52 0.72 -8.68
N PHE A 242 -2.40 -0.01 -8.77
CA PHE A 242 -2.44 -1.34 -9.37
C PHE A 242 -3.32 -2.30 -8.57
N ALA A 243 -3.21 -2.24 -7.24
CA ALA A 243 -3.99 -3.10 -6.35
C ALA A 243 -5.49 -2.80 -6.46
N TRP A 244 -5.81 -1.52 -6.60
CA TRP A 244 -7.20 -1.08 -6.74
C TRP A 244 -7.79 -1.57 -8.07
N TYR A 245 -6.97 -1.49 -9.13
CA TYR A 245 -7.37 -1.95 -10.46
C TYR A 245 -7.58 -3.47 -10.46
N LEU A 246 -6.66 -4.21 -9.85
CA LEU A 246 -6.79 -5.67 -9.77
C LEU A 246 -8.01 -6.06 -8.95
N SER A 247 -8.27 -5.33 -7.87
CA SER A 247 -9.45 -5.60 -7.04
C SER A 247 -10.70 -5.41 -7.90
N GLY A 248 -10.66 -4.41 -8.79
CA GLY A 248 -11.79 -4.13 -9.67
C GLY A 248 -12.06 -5.28 -10.63
N LEU A 249 -11.01 -5.91 -11.14
CA LEU A 249 -11.15 -7.05 -12.04
C LEU A 249 -11.77 -8.23 -11.27
N VAL A 250 -11.36 -8.40 -10.02
CA VAL A 250 -11.87 -9.46 -9.17
C VAL A 250 -13.37 -9.32 -8.95
N PHE A 251 -13.83 -8.08 -8.72
CA PHE A 251 -15.27 -7.82 -8.51
C PHE A 251 -16.07 -8.14 -9.77
N LYS A 252 -15.50 -7.81 -10.94
CA LYS A 252 -16.15 -8.10 -12.21
C LYS A 252 -16.19 -9.61 -12.42
N TRP A 253 -15.11 -10.29 -12.00
CA TRP A 253 -15.00 -11.74 -12.11
C TRP A 253 -16.09 -12.40 -11.24
N LEU A 254 -16.31 -11.86 -10.05
CA LEU A 254 -17.34 -12.37 -9.14
C LEU A 254 -18.73 -12.18 -9.75
N LYS A 255 -19.00 -10.99 -10.28
CA LYS A 255 -20.29 -10.70 -10.90
C LYS A 255 -20.54 -11.61 -12.10
N ALA A 256 -19.52 -11.85 -12.91
CA ALA A 256 -19.64 -12.69 -14.10
C ALA A 256 -19.95 -14.14 -13.74
N ASN A 257 -19.58 -14.56 -12.53
CA ASN A 257 -19.80 -15.92 -12.08
C ASN A 257 -20.97 -16.12 -11.10
N GLY A 258 -21.89 -15.15 -11.03
CA GLY A 258 -23.04 -15.30 -10.14
C GLY A 258 -23.03 -14.55 -8.83
N GLY A 259 -22.02 -13.73 -8.60
CA GLY A 259 -21.95 -12.96 -7.37
C GLY A 259 -21.71 -13.80 -6.13
N VAL A 260 -21.89 -13.16 -4.98
CA VAL A 260 -21.69 -13.78 -3.68
C VAL A 260 -22.55 -15.02 -3.36
N ALA A 261 -23.72 -15.11 -3.97
CA ALA A 261 -24.63 -16.24 -3.76
C ALA A 261 -24.06 -17.50 -4.37
N GLU A 262 -23.51 -17.39 -5.56
CA GLU A 262 -22.90 -18.54 -6.21
C GLU A 262 -21.58 -18.90 -5.54
N MET A 263 -20.84 -17.89 -5.13
CA MET A 263 -19.57 -18.09 -4.46
C MET A 263 -19.79 -18.88 -3.18
N ASP A 264 -20.85 -18.53 -2.44
CA ASP A 264 -21.23 -19.18 -1.18
C ASP A 264 -21.51 -20.68 -1.38
N LYS A 265 -22.18 -20.98 -2.48
CA LYS A 265 -22.54 -22.34 -2.84
C LYS A 265 -21.31 -23.18 -3.18
N ILE A 266 -20.36 -22.61 -3.93
CA ILE A 266 -19.14 -23.33 -4.31
C ILE A 266 -18.23 -23.52 -3.09
N ASN A 267 -18.20 -22.53 -2.22
CA ASN A 267 -17.42 -22.58 -1.00
C ASN A 267 -17.96 -23.63 -0.03
N GLN A 268 -19.26 -23.89 -0.12
CA GLN A 268 -19.90 -24.90 0.73
C GLN A 268 -19.45 -26.29 0.25
N GLN A 269 -19.39 -26.48 -1.06
CA GLN A 269 -18.97 -27.74 -1.66
C GLN A 269 -17.51 -28.04 -1.38
N LYS A 270 -16.70 -26.99 -1.44
CA LYS A 270 -15.26 -27.11 -1.19
C LYS A 270 -14.98 -27.52 0.25
N ALA A 271 -15.64 -26.85 1.20
CA ALA A 271 -15.44 -27.12 2.63
C ALA A 271 -15.97 -28.48 3.04
N GLU A 272 -17.12 -28.87 2.50
CA GLU A 272 -17.71 -30.16 2.82
C GLU A 272 -16.82 -31.30 2.35
N LEU A 273 -16.30 -31.18 1.14
CA LEU A 273 -15.41 -32.19 0.56
C LEU A 273 -14.15 -32.40 1.42
N LEU A 274 -13.53 -31.30 1.85
CA LEU A 274 -12.31 -31.34 2.64
C LEU A 274 -12.54 -31.84 4.07
N TYR A 275 -13.50 -31.23 4.77
CA TYR A 275 -13.81 -31.66 6.14
C TYR A 275 -14.30 -33.10 6.18
N GLY A 276 -14.93 -33.54 5.10
CA GLY A 276 -15.44 -34.90 5.03
C GLY A 276 -14.30 -35.89 5.03
N VAL A 277 -13.27 -35.59 4.24
CA VAL A 277 -12.09 -36.44 4.15
C VAL A 277 -11.35 -36.49 5.50
N ILE A 278 -11.24 -35.34 6.15
CA ILE A 278 -10.58 -35.24 7.44
C ILE A 278 -11.33 -35.98 8.54
N ASP A 279 -12.65 -35.84 8.55
CA ASP A 279 -13.49 -36.47 9.56
C ASP A 279 -13.62 -37.98 9.44
N ASN A 280 -13.49 -38.48 8.22
CA ASN A 280 -13.62 -39.92 7.98
C ASN A 280 -12.31 -40.67 8.10
N SER A 281 -11.23 -39.94 8.34
CA SER A 281 -9.91 -40.53 8.48
C SER A 281 -9.46 -40.48 9.92
N ASP A 282 -8.60 -41.42 10.32
CA ASP A 282 -8.08 -41.38 11.69
C ASP A 282 -6.70 -40.73 11.55
N PHE A 283 -6.16 -40.80 10.32
CA PHE A 283 -4.86 -40.23 10.01
C PHE A 283 -4.82 -38.70 10.08
N TYR A 284 -5.91 -38.03 9.70
CA TYR A 284 -5.99 -36.56 9.74
C TYR A 284 -7.04 -36.15 10.75
N ARG A 285 -6.83 -35.01 11.40
CA ARG A 285 -7.81 -34.56 12.37
C ARG A 285 -7.89 -33.04 12.56
N ASN A 286 -9.13 -32.55 12.67
CA ASN A 286 -9.41 -31.14 12.88
C ASN A 286 -10.18 -31.09 14.21
N ASP A 287 -9.78 -30.21 15.12
CA ASP A 287 -10.42 -30.13 16.43
C ASP A 287 -11.34 -28.94 16.64
N VAL A 288 -11.96 -28.46 15.58
CA VAL A 288 -12.86 -27.32 15.71
C VAL A 288 -14.32 -27.79 15.62
N ALA A 289 -15.17 -27.26 16.50
CA ALA A 289 -16.60 -27.62 16.52
C ALA A 289 -17.22 -27.31 15.16
N LYS A 290 -18.03 -28.23 14.67
CA LYS A 290 -18.68 -28.08 13.37
C LYS A 290 -19.30 -26.69 13.11
N ARG A 291 -19.96 -26.15 14.13
CA ARG A 291 -20.66 -24.87 14.10
C ARG A 291 -19.72 -23.68 13.90
N ASN A 292 -18.45 -23.86 14.25
CA ASN A 292 -17.45 -22.80 14.14
C ASN A 292 -16.34 -23.12 13.14
N ARG A 293 -16.58 -24.08 12.25
CA ARG A 293 -15.59 -24.44 11.26
C ARG A 293 -15.54 -23.46 10.09
N SER A 294 -14.37 -22.87 9.90
CA SER A 294 -14.15 -21.92 8.83
C SER A 294 -14.12 -22.67 7.49
N ARG A 295 -14.74 -22.06 6.49
CA ARG A 295 -14.76 -22.64 5.15
C ARG A 295 -13.61 -22.09 4.33
N MET A 296 -12.93 -21.06 4.86
CA MET A 296 -11.81 -20.43 4.17
C MET A 296 -10.47 -21.01 4.59
N ASN A 297 -10.28 -21.20 5.90
CA ASN A 297 -9.03 -21.73 6.41
C ASN A 297 -9.25 -23.05 7.14
N VAL A 298 -8.72 -24.13 6.60
CA VAL A 298 -8.91 -25.43 7.21
C VAL A 298 -7.63 -26.04 7.78
N PRO A 299 -7.38 -25.82 9.07
CA PRO A 299 -6.18 -26.40 9.71
C PRO A 299 -6.43 -27.85 10.11
N PHE A 300 -5.41 -28.68 9.97
CA PHE A 300 -5.50 -30.08 10.35
C PHE A 300 -4.15 -30.64 10.74
N GLN A 301 -4.17 -31.65 11.61
CA GLN A 301 -2.94 -32.29 12.09
C GLN A 301 -2.90 -33.74 11.62
N LEU A 302 -1.69 -34.28 11.47
CA LEU A 302 -1.52 -35.68 11.10
C LEU A 302 -1.45 -36.43 12.44
N ALA A 303 -1.94 -37.66 12.47
CA ALA A 303 -1.92 -38.46 13.70
C ALA A 303 -0.47 -38.72 14.13
N ASP A 304 0.40 -38.85 13.14
CA ASP A 304 1.82 -39.09 13.37
C ASP A 304 2.60 -37.90 12.83
N SER A 305 3.00 -37.00 13.71
CA SER A 305 3.74 -35.80 13.32
C SER A 305 5.12 -36.05 12.70
N ALA A 306 5.62 -37.28 12.82
CA ALA A 306 6.90 -37.63 12.26
C ALA A 306 6.85 -37.71 10.75
N LEU A 307 5.63 -37.68 10.21
CA LEU A 307 5.40 -37.74 8.77
C LEU A 307 5.12 -36.38 8.16
N ASP A 308 5.16 -35.34 9.00
CA ASP A 308 4.91 -33.97 8.57
C ASP A 308 5.76 -33.59 7.37
N LYS A 309 7.07 -33.76 7.52
CA LYS A 309 8.02 -33.43 6.47
C LYS A 309 7.82 -34.20 5.19
N LEU A 310 7.45 -35.46 5.29
CA LEU A 310 7.20 -36.27 4.11
C LEU A 310 5.88 -35.84 3.44
N PHE A 311 4.93 -35.40 4.26
CA PHE A 311 3.64 -34.94 3.77
C PHE A 311 3.85 -33.67 2.94
N LEU A 312 4.71 -32.79 3.42
CA LEU A 312 5.00 -31.55 2.72
C LEU A 312 5.84 -31.78 1.46
N GLU A 313 6.79 -32.71 1.53
CA GLU A 313 7.64 -33.03 0.38
C GLU A 313 6.80 -33.57 -0.76
N GLU A 314 6.01 -34.60 -0.48
CA GLU A 314 5.17 -35.23 -1.49
C GLU A 314 4.02 -34.36 -1.99
N SER A 315 3.38 -33.62 -1.10
CA SER A 315 2.28 -32.73 -1.52
C SER A 315 2.81 -31.67 -2.48
N PHE A 316 3.98 -31.11 -2.17
CA PHE A 316 4.59 -30.11 -3.04
C PHE A 316 4.91 -30.70 -4.41
N ALA A 317 5.42 -31.94 -4.42
CA ALA A 317 5.76 -32.65 -5.65
C ALA A 317 4.53 -32.96 -6.51
N ALA A 318 3.36 -33.05 -5.87
CA ALA A 318 2.10 -33.31 -6.56
C ALA A 318 1.46 -31.99 -7.03
N GLY A 319 2.19 -30.89 -6.85
CA GLY A 319 1.71 -29.58 -7.26
C GLY A 319 0.79 -28.89 -6.27
N LEU A 320 0.86 -29.30 -5.01
CA LEU A 320 0.03 -28.70 -3.95
C LEU A 320 0.94 -27.88 -3.05
N HIS A 321 0.92 -26.56 -3.24
CA HIS A 321 1.77 -25.65 -2.48
C HIS A 321 1.18 -25.02 -1.23
N ALA A 322 2.08 -24.57 -0.37
CA ALA A 322 1.77 -23.87 0.88
C ALA A 322 0.79 -24.55 1.83
N LEU A 323 1.01 -25.83 2.09
CA LEU A 323 0.13 -26.59 2.98
C LEU A 323 0.59 -26.58 4.45
N LYS A 324 1.76 -26.00 4.72
CA LYS A 324 2.24 -25.96 6.09
C LYS A 324 1.46 -24.99 6.95
N GLY A 325 1.17 -25.41 8.18
CA GLY A 325 0.41 -24.59 9.11
C GLY A 325 1.19 -23.40 9.62
N HIS A 326 0.51 -22.51 10.34
CA HIS A 326 1.17 -21.32 10.87
C HIS A 326 2.20 -21.72 11.91
N ARG A 327 3.33 -21.00 11.94
CA ARG A 327 4.42 -21.29 12.88
C ARG A 327 3.92 -21.49 14.30
N VAL A 328 3.05 -20.58 14.73
CA VAL A 328 2.49 -20.61 16.08
C VAL A 328 1.73 -21.88 16.45
N VAL A 329 1.05 -22.50 15.49
CA VAL A 329 0.24 -23.68 15.76
C VAL A 329 0.78 -24.99 15.18
N GLY A 330 1.71 -24.92 14.22
CA GLY A 330 2.24 -26.11 13.61
C GLY A 330 1.16 -26.83 12.80
N GLY A 331 1.37 -28.12 12.54
CA GLY A 331 0.39 -28.86 11.77
C GLY A 331 0.30 -28.38 10.33
N MET A 332 -0.81 -28.70 9.67
CA MET A 332 -1.04 -28.32 8.28
C MET A 332 -2.22 -27.36 8.19
N ARG A 333 -2.35 -26.71 7.03
CA ARG A 333 -3.45 -25.79 6.79
C ARG A 333 -3.67 -25.55 5.30
N ALA A 334 -4.91 -25.73 4.88
CA ALA A 334 -5.28 -25.50 3.50
C ALA A 334 -6.19 -24.28 3.51
N SER A 335 -5.76 -23.22 2.84
CA SER A 335 -6.58 -22.02 2.74
C SER A 335 -7.26 -22.14 1.38
N ILE A 336 -8.58 -22.23 1.41
CA ILE A 336 -9.36 -22.40 0.19
C ILE A 336 -10.31 -21.24 -0.08
N TYR A 337 -9.72 -20.08 -0.40
CA TYR A 337 -10.43 -18.85 -0.70
C TYR A 337 -11.28 -18.90 -1.97
N ASN A 338 -12.05 -17.83 -2.22
CA ASN A 338 -12.92 -17.74 -3.40
C ASN A 338 -12.27 -18.15 -4.70
N ALA A 339 -11.03 -17.68 -4.92
CA ALA A 339 -10.28 -18.00 -6.12
C ALA A 339 -9.96 -19.48 -6.32
N MET A 340 -9.93 -20.24 -5.22
CA MET A 340 -9.63 -21.68 -5.29
C MET A 340 -10.80 -22.48 -5.84
N PRO A 341 -10.63 -23.10 -7.01
CA PRO A 341 -11.70 -23.90 -7.62
C PRO A 341 -11.91 -25.24 -6.91
N LEU A 342 -13.09 -25.82 -7.09
CA LEU A 342 -13.42 -27.09 -6.46
C LEU A 342 -12.44 -28.16 -6.91
N GLU A 343 -11.99 -28.08 -8.16
CA GLU A 343 -11.05 -29.03 -8.73
C GLU A 343 -9.73 -28.99 -7.95
N GLY A 344 -9.42 -27.83 -7.40
CA GLY A 344 -8.21 -27.67 -6.61
C GLY A 344 -8.34 -28.35 -5.26
N VAL A 345 -9.53 -28.26 -4.67
CA VAL A 345 -9.79 -28.89 -3.39
C VAL A 345 -9.88 -30.41 -3.60
N LYS A 346 -10.33 -30.83 -4.78
CA LYS A 346 -10.44 -32.25 -5.06
C LYS A 346 -9.05 -32.85 -5.23
N ALA A 347 -8.17 -32.12 -5.89
CA ALA A 347 -6.79 -32.58 -6.11
C ALA A 347 -6.11 -32.80 -4.75
N LEU A 348 -6.38 -31.91 -3.81
CA LEU A 348 -5.80 -32.00 -2.47
C LEU A 348 -6.32 -33.23 -1.72
N THR A 349 -7.65 -33.37 -1.67
CA THR A 349 -8.27 -34.50 -0.97
C THR A 349 -7.87 -35.84 -1.59
N ASP A 350 -7.71 -35.88 -2.91
CA ASP A 350 -7.29 -37.10 -3.59
C ASP A 350 -5.90 -37.49 -3.08
N PHE A 351 -5.03 -36.49 -2.96
CA PHE A 351 -3.67 -36.69 -2.49
C PHE A 351 -3.66 -37.14 -1.04
N MET A 352 -4.53 -36.57 -0.23
CA MET A 352 -4.61 -36.91 1.19
C MET A 352 -5.02 -38.37 1.40
N VAL A 353 -5.97 -38.86 0.61
CA VAL A 353 -6.41 -40.25 0.69
C VAL A 353 -5.27 -41.18 0.28
N GLU A 354 -4.62 -40.87 -0.85
CA GLU A 354 -3.50 -41.65 -1.36
C GLU A 354 -2.30 -41.67 -0.38
N PHE A 355 -2.03 -40.55 0.28
CA PHE A 355 -0.93 -40.46 1.24
C PHE A 355 -1.24 -41.33 2.47
N GLU A 356 -2.48 -41.29 2.96
CA GLU A 356 -2.88 -42.07 4.13
C GLU A 356 -2.84 -43.55 3.79
N ARG A 357 -3.29 -43.87 2.58
CA ARG A 357 -3.32 -45.24 2.11
C ARG A 357 -1.91 -45.78 1.91
N ARG A 358 -0.94 -44.89 1.73
CA ARG A 358 0.44 -45.31 1.49
C ARG A 358 1.41 -45.23 2.68
N HIS A 359 1.10 -44.41 3.69
CA HIS A 359 1.95 -44.24 4.87
C HIS A 359 1.13 -44.29 6.16
N GLY A 360 -0.19 -44.37 6.02
CA GLY A 360 -1.07 -44.40 7.18
C GLY A 360 -0.99 -45.67 8.00
N GLN B 1 7.42 5.02 -29.09
CA GLN B 1 6.41 5.86 -29.79
C GLN B 1 5.56 6.67 -28.81
N ILE B 2 5.26 6.07 -27.66
CA ILE B 2 4.49 6.77 -26.64
C ILE B 2 5.43 7.20 -25.51
N PHE B 3 5.33 8.44 -25.10
CA PHE B 3 6.14 8.93 -24.00
C PHE B 3 5.17 9.51 -22.98
N ASN B 4 5.24 8.94 -21.78
CA ASN B 4 4.37 9.32 -20.69
C ASN B 4 5.09 10.23 -19.71
N PHE B 5 4.61 11.46 -19.63
CA PHE B 5 5.19 12.48 -18.74
C PHE B 5 4.44 12.68 -17.43
N SER B 6 3.69 11.66 -16.99
CA SER B 6 2.94 11.71 -15.72
C SER B 6 3.83 12.05 -14.55
N SER B 7 3.31 12.86 -13.63
CA SER B 7 4.09 13.28 -12.47
C SER B 7 4.14 12.30 -11.31
N GLY B 8 3.35 11.24 -11.36
CA GLY B 8 3.32 10.27 -10.27
C GLY B 8 1.91 9.85 -9.88
N PRO B 9 1.50 8.59 -10.10
CA PRO B 9 2.26 7.50 -10.72
C PRO B 9 2.94 7.91 -12.03
N ALA B 10 4.14 7.40 -12.24
CA ALA B 10 4.91 7.75 -13.40
C ALA B 10 5.38 6.55 -14.19
N MET B 11 6.08 6.85 -15.28
CA MET B 11 6.66 5.85 -16.16
C MET B 11 7.67 4.98 -15.43
N LEU B 12 7.60 3.68 -15.69
CA LEU B 12 8.53 2.71 -15.11
C LEU B 12 9.44 2.26 -16.26
N PRO B 13 10.68 1.83 -15.94
CA PRO B 13 11.61 1.37 -16.98
C PRO B 13 10.94 0.29 -17.83
N ALA B 14 10.91 0.51 -19.14
CA ALA B 14 10.28 -0.43 -20.08
C ALA B 14 10.81 -1.83 -19.89
N GLU B 15 12.11 -1.92 -19.65
CA GLU B 15 12.78 -3.18 -19.44
C GLU B 15 12.18 -3.93 -18.23
N VAL B 16 11.94 -3.19 -17.16
CA VAL B 16 11.38 -3.74 -15.93
C VAL B 16 9.95 -4.28 -16.13
N LEU B 17 9.13 -3.56 -16.89
CA LEU B 17 7.77 -3.99 -17.15
C LEU B 17 7.70 -5.20 -18.05
N LYS B 18 8.68 -5.36 -18.93
CA LYS B 18 8.71 -6.52 -19.81
C LYS B 18 8.91 -7.76 -18.94
N GLN B 19 9.84 -7.68 -17.98
CA GLN B 19 10.12 -8.79 -17.09
C GLN B 19 8.94 -9.12 -16.19
N ALA B 20 8.35 -8.10 -15.56
CA ALA B 20 7.21 -8.32 -14.69
C ALA B 20 6.06 -8.97 -15.43
N GLN B 21 5.82 -8.54 -16.67
CA GLN B 21 4.75 -9.08 -17.49
C GLN B 21 4.99 -10.54 -17.82
N GLN B 22 6.21 -10.85 -18.20
CA GLN B 22 6.58 -12.20 -18.57
C GLN B 22 6.47 -13.20 -17.41
N GLU B 23 6.78 -12.75 -16.19
CA GLU B 23 6.71 -13.60 -15.00
C GLU B 23 5.44 -13.41 -14.19
N LEU B 24 4.49 -12.60 -14.68
CA LEU B 24 3.28 -12.33 -13.91
C LEU B 24 2.54 -13.56 -13.39
N ARG B 25 2.51 -14.65 -14.15
CA ARG B 25 1.80 -15.83 -13.68
C ARG B 25 2.66 -17.02 -13.23
N ASP B 26 3.95 -16.98 -13.56
CA ASP B 26 4.87 -18.04 -13.18
C ASP B 26 6.20 -17.40 -12.82
N TRP B 27 6.35 -17.03 -11.55
CA TRP B 27 7.55 -16.39 -11.07
C TRP B 27 8.51 -17.40 -10.43
N ASN B 28 9.78 -17.37 -10.84
CA ASN B 28 10.80 -18.27 -10.30
C ASN B 28 10.46 -19.74 -10.51
N GLY B 29 9.81 -20.06 -11.63
CA GLY B 29 9.44 -21.45 -11.88
C GLY B 29 8.57 -22.04 -10.77
N LEU B 30 7.96 -21.18 -9.96
CA LEU B 30 7.08 -21.62 -8.88
C LEU B 30 5.70 -21.97 -9.38
N GLY B 31 5.37 -21.52 -10.60
CA GLY B 31 4.06 -21.79 -11.16
C GLY B 31 2.97 -20.89 -10.58
N THR B 32 3.40 -19.85 -9.87
CA THR B 32 2.49 -18.88 -9.25
C THR B 32 3.12 -17.48 -9.38
N SER B 33 2.32 -16.46 -9.16
CA SER B 33 2.78 -15.06 -9.24
C SER B 33 3.49 -14.64 -7.95
N VAL B 34 4.26 -13.55 -8.02
CA VAL B 34 4.95 -13.04 -6.84
C VAL B 34 3.86 -12.56 -5.90
N MET B 35 2.71 -12.19 -6.48
CA MET B 35 1.54 -11.69 -5.75
C MET B 35 0.80 -12.76 -4.98
N GLU B 36 1.03 -14.02 -5.33
CA GLU B 36 0.33 -15.12 -4.71
C GLU B 36 1.11 -15.90 -3.65
N VAL B 37 2.38 -15.56 -3.45
CA VAL B 37 3.18 -16.27 -2.45
C VAL B 37 3.24 -15.55 -1.09
N SER B 38 3.52 -16.30 -0.04
CA SER B 38 3.60 -15.73 1.29
C SER B 38 4.84 -14.85 1.43
N HIS B 39 4.67 -13.72 2.13
CA HIS B 39 5.76 -12.78 2.38
C HIS B 39 6.77 -13.36 3.38
N ARG B 40 6.40 -14.48 4.01
CA ARG B 40 7.25 -15.17 4.97
C ARG B 40 7.94 -16.40 4.37
N GLY B 41 7.65 -16.68 3.10
CA GLY B 41 8.29 -17.80 2.43
C GLY B 41 9.70 -17.37 2.06
N LYS B 42 10.62 -18.34 1.91
CA LYS B 42 12.00 -18.02 1.58
C LYS B 42 12.17 -17.28 0.26
N GLU B 43 11.31 -17.59 -0.71
CA GLU B 43 11.35 -16.96 -2.03
C GLU B 43 11.20 -15.44 -1.97
N PHE B 44 10.19 -14.97 -1.24
CA PHE B 44 9.95 -13.53 -1.13
C PHE B 44 10.92 -12.85 -0.17
N ILE B 45 11.26 -13.53 0.91
CA ILE B 45 12.20 -12.98 1.88
C ILE B 45 13.51 -12.63 1.16
N GLN B 46 13.92 -13.46 0.21
CA GLN B 46 15.15 -13.20 -0.53
C GLN B 46 15.02 -11.97 -1.44
N VAL B 47 13.85 -11.79 -2.03
CA VAL B 47 13.58 -10.65 -2.92
C VAL B 47 13.66 -9.36 -2.10
N ALA B 48 13.12 -9.41 -0.88
CA ALA B 48 13.11 -8.28 0.03
C ALA B 48 14.52 -7.93 0.53
N GLU B 49 15.35 -8.94 0.75
CA GLU B 49 16.71 -8.73 1.22
C GLU B 49 17.62 -8.19 0.12
N GLU B 50 17.38 -8.64 -1.11
CA GLU B 50 18.15 -8.20 -2.27
C GLU B 50 17.83 -6.74 -2.57
N ALA B 51 16.53 -6.41 -2.50
CA ALA B 51 16.05 -5.05 -2.76
C ALA B 51 16.70 -4.06 -1.79
N GLU B 52 16.72 -4.41 -0.50
CA GLU B 52 17.34 -3.54 0.48
C GLU B 52 18.83 -3.41 0.23
N LYS B 53 19.49 -4.51 -0.15
CA LYS B 53 20.93 -4.49 -0.43
C LYS B 53 21.25 -3.59 -1.62
N ASP B 54 20.52 -3.79 -2.70
CA ASP B 54 20.71 -3.01 -3.91
C ASP B 54 20.51 -1.53 -3.67
N PHE B 55 19.47 -1.18 -2.90
CA PHE B 55 19.17 0.20 -2.58
C PHE B 55 20.32 0.84 -1.79
N ARG B 56 20.82 0.11 -0.79
CA ARG B 56 21.93 0.57 0.05
C ARG B 56 23.20 0.81 -0.77
N ASP B 57 23.44 -0.06 -1.75
CA ASP B 57 24.62 0.08 -2.62
C ASP B 57 24.46 1.28 -3.54
N LEU B 58 23.26 1.44 -4.10
CA LEU B 58 22.96 2.54 -5.01
C LEU B 58 23.22 3.92 -4.43
N LEU B 59 22.76 4.12 -3.20
CA LEU B 59 22.95 5.40 -2.51
C LEU B 59 24.04 5.43 -1.46
N ASN B 60 24.80 4.33 -1.31
CA ASN B 60 25.86 4.26 -0.31
C ASN B 60 25.34 4.60 1.08
N VAL B 61 24.32 3.87 1.54
CA VAL B 61 23.74 4.10 2.85
C VAL B 61 24.64 3.47 3.90
N PRO B 62 25.17 4.27 4.86
CA PRO B 62 26.04 3.78 5.93
C PRO B 62 25.38 2.70 6.78
N SER B 63 26.20 1.94 7.51
CA SER B 63 25.71 0.86 8.38
C SER B 63 24.84 1.35 9.55
N ASN B 64 25.00 2.60 9.96
CA ASN B 64 24.20 3.11 11.06
C ASN B 64 22.81 3.62 10.63
N TYR B 65 22.38 3.21 9.44
CA TYR B 65 21.07 3.61 8.94
C TYR B 65 20.21 2.39 8.66
N LYS B 66 18.93 2.50 8.99
CA LYS B 66 18.00 1.41 8.73
C LYS B 66 17.20 1.81 7.50
N VAL B 67 16.92 0.84 6.62
CA VAL B 67 16.14 1.08 5.43
C VAL B 67 14.83 0.31 5.63
N LEU B 68 13.71 1.04 5.70
CA LEU B 68 12.39 0.46 5.92
C LEU B 68 11.48 0.59 4.71
N PHE B 69 10.65 -0.43 4.50
CA PHE B 69 9.68 -0.46 3.40
C PHE B 69 8.29 -0.49 4.05
N CYS B 70 7.51 0.56 3.82
CA CYS B 70 6.19 0.63 4.44
C CYS B 70 5.02 1.16 3.63
N HIS B 71 3.85 1.10 4.26
CA HIS B 71 2.59 1.55 3.68
C HIS B 71 2.40 3.03 3.99
N GLY B 72 1.44 3.67 3.31
CA GLY B 72 1.13 5.04 3.59
C GLY B 72 1.51 6.15 2.62
N GLY B 73 2.49 5.90 1.74
CA GLY B 73 2.90 6.93 0.81
C GLY B 73 3.60 8.08 1.50
N GLY B 74 3.92 9.12 0.75
CA GLY B 74 4.59 10.28 1.31
C GLY B 74 3.82 11.00 2.41
N ARG B 75 2.49 11.09 2.26
CA ARG B 75 1.65 11.77 3.26
C ARG B 75 1.55 10.98 4.55
N GLY B 76 1.79 9.67 4.46
CA GLY B 76 1.78 8.83 5.64
C GLY B 76 2.96 9.23 6.51
N GLN B 77 4.06 9.62 5.86
CA GLN B 77 5.27 10.05 6.55
C GLN B 77 5.16 11.46 7.16
N PHE B 78 4.23 12.27 6.65
CA PHE B 78 4.02 13.62 7.17
C PHE B 78 3.59 13.49 8.63
N ALA B 79 2.97 12.35 8.93
CA ALA B 79 2.50 12.03 10.27
C ALA B 79 3.52 11.13 11.00
N ALA B 80 4.11 10.17 10.29
CA ALA B 80 5.09 9.25 10.86
C ALA B 80 6.34 9.93 11.41
N VAL B 81 6.86 10.94 10.72
CA VAL B 81 8.05 11.64 11.20
C VAL B 81 7.82 12.23 12.60
N PRO B 82 6.78 13.09 12.78
CA PRO B 82 6.51 13.68 14.10
C PRO B 82 6.19 12.61 15.15
N LEU B 83 5.42 11.61 14.75
CA LEU B 83 5.05 10.55 15.68
C LEU B 83 6.23 9.71 16.15
N ASN B 84 7.29 9.66 15.35
CA ASN B 84 8.48 8.86 15.67
C ASN B 84 9.68 9.55 16.31
N ILE B 85 10.12 10.67 15.72
CA ILE B 85 11.30 11.36 16.22
C ILE B 85 11.11 12.67 16.98
N LEU B 86 9.88 12.95 17.41
CA LEU B 86 9.63 14.17 18.15
C LEU B 86 10.10 13.97 19.60
N GLY B 87 9.88 12.77 20.14
CA GLY B 87 10.27 12.48 21.50
C GLY B 87 9.49 13.29 22.51
N ASP B 88 10.17 13.84 23.51
CA ASP B 88 9.53 14.64 24.54
C ASP B 88 9.44 16.13 24.20
N LYS B 89 9.99 16.52 23.05
CA LYS B 89 9.95 17.91 22.60
C LYS B 89 8.61 18.22 21.95
N THR B 90 8.23 19.50 21.96
CA THR B 90 6.95 19.89 21.40
C THR B 90 7.05 20.81 20.18
N THR B 91 8.26 21.00 19.66
CA THR B 91 8.45 21.85 18.48
C THR B 91 9.45 21.24 17.52
N ALA B 92 9.29 21.59 16.25
CA ALA B 92 10.17 21.13 15.18
C ALA B 92 10.21 22.26 14.16
N ASP B 93 11.32 22.38 13.44
CA ASP B 93 11.47 23.41 12.43
C ASP B 93 11.07 22.88 11.07
N TYR B 94 10.24 23.66 10.37
CA TYR B 94 9.76 23.27 9.05
C TYR B 94 10.05 24.37 8.04
N VAL B 95 10.81 24.03 7.01
CA VAL B 95 11.15 24.98 5.96
C VAL B 95 10.12 24.86 4.83
N ASP B 96 9.49 25.99 4.49
CA ASP B 96 8.47 26.03 3.45
C ASP B 96 8.97 26.67 2.15
N ALA B 97 8.96 25.90 1.07
CA ALA B 97 9.39 26.41 -0.22
C ALA B 97 8.54 25.81 -1.34
N GLY B 98 7.36 25.31 -0.99
CA GLY B 98 6.51 24.72 -2.00
C GLY B 98 5.31 24.02 -1.42
N TYR B 99 4.52 23.43 -2.29
CA TYR B 99 3.29 22.73 -1.92
C TYR B 99 3.48 21.57 -0.94
N TRP B 100 4.40 20.66 -1.26
CA TRP B 100 4.65 19.50 -0.42
C TRP B 100 5.24 19.86 0.95
N ALA B 101 6.14 20.83 0.96
CA ALA B 101 6.72 21.30 2.20
C ALA B 101 5.62 21.89 3.09
N ALA B 102 4.67 22.59 2.46
CA ALA B 102 3.57 23.20 3.21
C ALA B 102 2.58 22.15 3.71
N SER B 103 2.35 21.12 2.90
CA SER B 103 1.42 20.06 3.27
C SER B 103 1.95 19.32 4.51
N ALA B 104 3.27 19.17 4.58
CA ALA B 104 3.92 18.50 5.71
C ALA B 104 3.72 19.30 7.00
N ILE B 105 3.76 20.62 6.87
CA ILE B 105 3.57 21.54 7.98
C ILE B 105 2.13 21.41 8.51
N LYS B 106 1.18 21.25 7.61
CA LYS B 106 -0.22 21.14 7.98
C LYS B 106 -0.48 19.89 8.82
N GLU B 107 0.13 18.77 8.42
CA GLU B 107 -0.03 17.51 9.13
C GLU B 107 0.70 17.55 10.47
N ALA B 108 1.83 18.22 10.50
CA ALA B 108 2.65 18.35 11.70
C ALA B 108 1.94 19.07 12.85
N LYS B 109 0.97 19.91 12.52
CA LYS B 109 0.21 20.66 13.52
C LYS B 109 -0.65 19.78 14.41
N LYS B 110 -0.88 18.54 13.98
CA LYS B 110 -1.68 17.58 14.73
C LYS B 110 -0.84 17.00 15.87
N TYR B 111 0.48 17.11 15.77
CA TYR B 111 1.39 16.53 16.77
C TYR B 111 2.29 17.49 17.53
N CYS B 112 2.45 18.70 17.02
CA CYS B 112 3.32 19.68 17.66
C CYS B 112 3.04 21.06 17.13
N THR B 113 3.86 22.00 17.60
CA THR B 113 3.76 23.39 17.17
C THR B 113 4.99 23.60 16.32
N PRO B 114 4.83 23.52 14.99
CA PRO B 114 5.98 23.71 14.10
C PRO B 114 6.39 25.19 13.93
N ASN B 115 7.69 25.46 13.97
CA ASN B 115 8.17 26.81 13.75
C ASN B 115 8.42 26.83 12.25
N VAL B 116 7.58 27.57 11.53
CA VAL B 116 7.69 27.64 10.08
C VAL B 116 8.67 28.71 9.60
N PHE B 117 9.49 28.35 8.61
CA PHE B 117 10.43 29.30 8.02
C PHE B 117 10.17 29.36 6.52
N ASP B 118 9.72 30.52 6.06
CA ASP B 118 9.43 30.75 4.64
C ASP B 118 10.74 31.04 3.89
N ALA B 119 11.18 30.09 3.07
CA ALA B 119 12.42 30.23 2.32
C ALA B 119 12.24 30.74 0.88
N LYS B 120 11.00 31.05 0.51
CA LYS B 120 10.71 31.52 -0.85
C LYS B 120 11.10 32.98 -1.08
N VAL B 121 11.82 33.25 -2.17
CA VAL B 121 12.23 34.61 -2.54
C VAL B 121 12.14 34.73 -4.05
N THR B 122 11.96 35.95 -4.53
CA THR B 122 11.89 36.20 -5.95
C THR B 122 13.07 37.08 -6.33
N VAL B 123 14.04 36.48 -6.99
CA VAL B 123 15.25 37.18 -7.42
C VAL B 123 15.19 37.36 -8.93
N ASP B 124 15.20 38.62 -9.37
CA ASP B 124 15.14 38.98 -10.79
C ASP B 124 13.86 38.53 -11.45
N GLY B 125 12.76 38.55 -10.69
CA GLY B 125 11.47 38.13 -11.23
C GLY B 125 11.36 36.61 -11.30
N LEU B 126 12.45 35.93 -10.94
CA LEU B 126 12.50 34.47 -10.94
C LEU B 126 12.40 33.88 -9.53
N ARG B 127 11.63 32.81 -9.40
CA ARG B 127 11.42 32.13 -8.13
C ARG B 127 12.62 31.30 -7.68
N ALA B 128 13.14 31.65 -6.51
CA ALA B 128 14.31 30.99 -5.93
C ALA B 128 14.07 30.65 -4.45
N VAL B 129 15.05 29.98 -3.85
CA VAL B 129 14.98 29.60 -2.44
C VAL B 129 16.20 30.17 -1.73
N LYS B 130 16.01 30.64 -0.50
CA LYS B 130 17.12 31.17 0.29
C LYS B 130 18.15 30.07 0.56
N PRO B 131 19.44 30.41 0.56
CA PRO B 131 20.50 29.42 0.83
C PRO B 131 20.30 28.89 2.26
N MET B 132 20.67 27.63 2.49
CA MET B 132 20.50 27.03 3.83
C MET B 132 21.16 27.80 4.95
N ARG B 133 22.28 28.46 4.66
CA ARG B 133 23.02 29.23 5.66
C ARG B 133 22.18 30.38 6.21
N GLU B 134 21.08 30.70 5.54
CA GLU B 134 20.20 31.77 5.98
C GLU B 134 18.96 31.24 6.70
N TRP B 135 18.78 29.93 6.72
CA TRP B 135 17.63 29.32 7.39
C TRP B 135 17.73 29.48 8.91
N GLN B 136 16.63 29.92 9.52
CA GLN B 136 16.58 30.12 10.96
C GLN B 136 15.95 28.96 11.69
N LEU B 137 16.80 28.17 12.35
CA LEU B 137 16.36 27.02 13.13
C LEU B 137 16.19 27.49 14.58
N SER B 138 15.36 26.78 15.35
CA SER B 138 15.14 27.15 16.74
C SER B 138 15.97 26.28 17.68
N ASP B 139 16.18 26.77 18.89
CA ASP B 139 16.99 26.08 19.90
C ASP B 139 16.50 24.72 20.36
N ASN B 140 15.23 24.63 20.72
CA ASN B 140 14.77 23.34 21.19
C ASN B 140 13.88 22.51 20.26
N ALA B 141 14.21 22.55 18.97
CA ALA B 141 13.46 21.78 18.00
C ALA B 141 13.94 20.34 18.00
N ALA B 142 13.02 19.41 17.79
CA ALA B 142 13.34 17.99 17.75
C ALA B 142 14.06 17.66 16.44
N TYR B 143 13.69 18.36 15.38
CA TYR B 143 14.27 18.15 14.05
C TYR B 143 13.92 19.32 13.12
N MET B 144 14.49 19.29 11.93
CA MET B 144 14.24 20.30 10.92
C MET B 144 13.77 19.54 9.67
N HIS B 145 12.63 19.95 9.12
CA HIS B 145 12.11 19.27 7.94
C HIS B 145 12.04 20.18 6.71
N TYR B 146 12.39 19.63 5.55
CA TYR B 146 12.33 20.38 4.31
C TYR B 146 12.13 19.42 3.15
N CYS B 147 11.73 19.97 2.00
CA CYS B 147 11.51 19.18 0.80
C CYS B 147 12.46 19.65 -0.31
N PRO B 148 13.42 18.80 -0.70
CA PRO B 148 14.41 19.13 -1.75
C PRO B 148 13.90 19.16 -3.19
N ASN B 149 12.66 18.72 -3.42
CA ASN B 149 12.12 18.75 -4.77
C ASN B 149 10.59 18.87 -4.78
N GLU B 150 10.10 20.03 -5.21
CA GLU B 150 8.66 20.34 -5.29
C GLU B 150 8.15 20.06 -6.70
N THR B 151 7.33 19.01 -6.84
CA THR B 151 6.79 18.60 -8.13
C THR B 151 5.86 19.56 -8.84
N ILE B 152 5.16 20.39 -8.08
CA ILE B 152 4.22 21.33 -8.64
C ILE B 152 4.89 22.62 -9.12
N ASP B 153 5.83 23.11 -8.32
CA ASP B 153 6.54 24.35 -8.61
C ASP B 153 7.77 24.16 -9.51
N GLY B 154 8.29 22.94 -9.54
CA GLY B 154 9.47 22.67 -10.34
C GLY B 154 10.69 23.28 -9.66
N ILE B 155 10.61 23.37 -8.34
CA ILE B 155 11.68 23.93 -7.51
C ILE B 155 12.49 22.84 -6.79
N ALA B 156 13.82 23.01 -6.80
CA ALA B 156 14.72 22.04 -6.17
C ALA B 156 15.75 22.73 -5.32
N ILE B 157 16.08 22.10 -4.20
CA ILE B 157 17.10 22.60 -3.28
C ILE B 157 18.11 21.46 -3.27
N ASP B 158 19.16 21.61 -4.06
CA ASP B 158 20.22 20.59 -4.22
C ASP B 158 21.32 20.67 -3.17
N GLU B 159 21.38 21.82 -2.51
CA GLU B 159 22.34 22.12 -1.46
C GLU B 159 22.41 21.00 -0.42
N THR B 160 23.61 20.59 -0.04
CA THR B 160 23.81 19.54 0.97
C THR B 160 23.71 20.16 2.37
N PRO B 161 22.86 19.59 3.24
CA PRO B 161 22.69 20.12 4.60
C PRO B 161 24.01 20.03 5.36
N ASP B 162 24.31 21.04 6.16
CA ASP B 162 25.54 21.07 6.92
C ASP B 162 25.33 21.86 8.20
N PHE B 163 24.37 21.41 8.99
CA PHE B 163 24.07 22.05 10.26
C PHE B 163 24.85 21.32 11.34
N GLY B 164 24.76 21.79 12.58
CA GLY B 164 25.49 21.13 13.65
C GLY B 164 25.17 19.66 13.82
N ALA B 165 25.92 18.98 14.69
CA ALA B 165 25.68 17.57 14.96
C ALA B 165 24.44 17.53 15.85
N ASP B 166 24.05 18.71 16.34
CA ASP B 166 22.88 18.89 17.20
C ASP B 166 21.54 18.97 16.42
N VAL B 167 21.62 19.13 15.09
CA VAL B 167 20.43 19.25 14.25
C VAL B 167 20.08 17.97 13.49
N VAL B 168 18.84 17.51 13.64
CA VAL B 168 18.35 16.31 12.95
C VAL B 168 17.56 16.76 11.73
N VAL B 169 18.00 16.35 10.56
CA VAL B 169 17.33 16.74 9.32
C VAL B 169 16.43 15.63 8.79
N ALA B 170 15.18 16.00 8.50
CA ALA B 170 14.21 15.07 7.93
C ALA B 170 13.89 15.66 6.56
N ALA B 171 13.83 14.82 5.53
CA ALA B 171 13.58 15.31 4.19
C ALA B 171 12.67 14.43 3.33
N ASP B 172 11.85 15.08 2.51
CA ASP B 172 10.93 14.41 1.62
C ASP B 172 11.59 14.32 0.23
N PHE B 173 12.15 13.15 -0.06
CA PHE B 173 12.83 12.90 -1.34
C PHE B 173 11.96 12.17 -2.35
N SER B 174 10.65 12.19 -2.17
CA SER B 174 9.73 11.49 -3.07
C SER B 174 9.95 11.63 -4.58
N SER B 175 10.18 12.86 -5.04
CA SER B 175 10.34 13.09 -6.47
C SER B 175 11.76 13.30 -6.99
N THR B 176 12.77 12.99 -6.18
CA THR B 176 14.14 13.18 -6.63
C THR B 176 15.12 12.11 -6.18
N ILE B 177 14.72 11.22 -5.27
CA ILE B 177 15.61 10.18 -4.81
C ILE B 177 16.08 9.29 -5.96
N LEU B 178 17.38 8.97 -5.96
CA LEU B 178 18.03 8.14 -6.99
C LEU B 178 18.33 8.86 -8.30
N SER B 179 18.10 10.18 -8.35
CA SER B 179 18.36 10.93 -9.58
C SER B 179 19.79 11.48 -9.58
N ARG B 180 20.36 11.66 -8.38
CA ARG B 180 21.72 12.15 -8.22
C ARG B 180 22.30 11.58 -6.93
N PRO B 181 23.64 11.60 -6.78
CA PRO B 181 24.26 11.08 -5.57
C PRO B 181 24.04 12.04 -4.41
N ILE B 182 23.72 11.52 -3.24
CA ILE B 182 23.52 12.37 -2.06
C ILE B 182 24.33 11.81 -0.91
N ASP B 183 24.61 12.64 0.08
CA ASP B 183 25.35 12.23 1.27
C ASP B 183 24.33 11.94 2.37
N VAL B 184 23.95 10.68 2.48
CA VAL B 184 22.98 10.22 3.46
C VAL B 184 23.36 10.52 4.91
N SER B 185 24.65 10.52 5.21
CA SER B 185 25.14 10.77 6.57
C SER B 185 24.79 12.15 7.11
N ARG B 186 24.38 13.05 6.23
CA ARG B 186 24.02 14.40 6.66
C ARG B 186 22.58 14.46 7.15
N TYR B 187 21.83 13.38 6.95
CA TYR B 187 20.42 13.34 7.34
C TYR B 187 20.07 12.44 8.50
N GLY B 188 18.91 12.72 9.10
CA GLY B 188 18.39 11.90 10.17
C GLY B 188 17.35 10.96 9.58
N VAL B 189 16.48 11.51 8.74
CA VAL B 189 15.43 10.74 8.09
C VAL B 189 15.24 11.18 6.64
N ILE B 190 15.19 10.20 5.75
CA ILE B 190 14.97 10.44 4.33
C ILE B 190 13.83 9.52 3.95
N TYR B 191 12.74 10.07 3.42
CA TYR B 191 11.61 9.23 3.03
C TYR B 191 11.18 9.54 1.61
N ALA B 192 10.57 8.56 0.97
CA ALA B 192 10.14 8.75 -0.41
C ALA B 192 9.11 7.73 -0.86
N GLY B 193 8.00 8.28 -1.32
CA GLY B 193 6.94 7.49 -1.94
C GLY B 193 7.60 6.90 -3.18
N ALA B 194 7.28 5.69 -3.49
CA ALA B 194 7.96 4.98 -4.57
C ALA B 194 7.47 5.35 -5.99
N GLN B 195 6.27 5.89 -6.09
CA GLN B 195 5.60 6.09 -7.40
C GLN B 195 6.22 7.08 -8.38
N1 LLP B 196 5.94 15.10 -1.47
C2 LLP B 196 6.61 15.15 -2.61
C2' LLP B 196 7.84 15.95 -2.78
C3 LLP B 196 6.15 14.40 -3.66
O3 LLP B 196 6.77 14.45 -4.84
C4 LLP B 196 4.99 13.60 -3.50
C4' LLP B 196 4.60 12.75 -4.62
C5 LLP B 196 4.30 13.59 -2.26
C6 LLP B 196 4.82 14.36 -1.28
C5' LLP B 196 2.99 12.76 -2.03
OP4 LLP B 196 3.21 11.38 -2.08
P LLP B 196 1.97 10.40 -1.71
OP1 LLP B 196 0.86 10.76 -2.63
OP2 LLP B 196 1.57 10.73 -0.25
OP3 LLP B 196 2.55 9.02 -1.77
N LLP B 196 7.45 7.55 -8.13
CA LLP B 196 8.06 8.52 -9.04
CB LLP B 196 8.16 9.89 -8.38
CG LLP B 196 6.77 10.35 -7.94
CD LLP B 196 6.46 11.83 -7.78
CE LLP B 196 5.18 11.90 -6.91
NZ LLP B 196 5.41 12.81 -5.84
C LLP B 196 9.40 8.06 -9.61
O LLP B 196 9.58 8.05 -10.83
N ASN B 197 10.32 7.63 -8.72
CA ASN B 197 11.65 7.18 -9.17
C ASN B 197 12.05 5.79 -8.72
N ILE B 198 11.27 5.18 -7.84
CA ILE B 198 11.59 3.87 -7.30
C ILE B 198 10.77 2.70 -7.84
N GLY B 199 9.44 2.83 -7.81
CA GLY B 199 8.59 1.77 -8.29
C GLY B 199 7.15 2.20 -8.40
N PRO B 200 6.20 1.29 -8.21
CA PRO B 200 4.78 1.59 -8.32
C PRO B 200 4.26 2.19 -7.01
N ALA B 201 3.04 2.72 -7.06
CA ALA B 201 2.42 3.33 -5.90
C ALA B 201 2.05 2.25 -4.89
N GLY B 202 2.04 2.61 -3.61
CA GLY B 202 1.70 1.65 -2.58
C GLY B 202 2.85 1.26 -1.65
N LEU B 203 4.05 1.74 -1.95
CA LEU B 203 5.22 1.44 -1.13
C LEU B 203 5.96 2.74 -0.84
N THR B 204 6.56 2.82 0.34
CA THR B 204 7.32 3.99 0.76
C THR B 204 8.62 3.52 1.37
N ILE B 205 9.71 4.20 1.05
CA ILE B 205 10.99 3.83 1.59
C ILE B 205 11.44 4.90 2.59
N VAL B 206 11.91 4.46 3.75
CA VAL B 206 12.38 5.36 4.79
C VAL B 206 13.79 4.97 5.23
N ILE B 207 14.68 5.96 5.33
CA ILE B 207 16.06 5.72 5.75
C ILE B 207 16.18 6.45 7.08
N VAL B 208 16.33 5.70 8.17
CA VAL B 208 16.40 6.29 9.50
C VAL B 208 17.73 6.04 10.19
N ARG B 209 18.25 7.06 10.85
CA ARG B 209 19.51 6.91 11.58
C ARG B 209 19.16 6.15 12.87
N GLU B 210 19.88 5.05 13.11
CA GLU B 210 19.70 4.18 14.27
C GLU B 210 19.33 4.78 15.61
N ASP B 211 20.10 5.78 16.04
CA ASP B 211 19.90 6.44 17.34
C ASP B 211 18.60 7.21 17.48
N LEU B 212 17.89 7.40 16.38
CA LEU B 212 16.61 8.13 16.39
C LEU B 212 15.46 7.19 16.72
N LEU B 213 15.74 5.89 16.70
CA LEU B 213 14.72 4.89 17.02
C LEU B 213 14.51 4.81 18.53
N GLY B 214 13.42 4.18 18.94
CA GLY B 214 13.13 4.00 20.35
C GLY B 214 12.41 5.08 21.11
N LYS B 215 11.97 6.14 20.44
CA LYS B 215 11.26 7.21 21.15
C LYS B 215 9.93 7.57 20.51
N ALA B 216 9.33 6.62 19.82
CA ALA B 216 8.04 6.85 19.18
C ALA B 216 6.96 7.14 20.21
N ASN B 217 5.99 7.95 19.80
CA ASN B 217 4.86 8.30 20.64
C ASN B 217 4.03 7.01 20.77
N ILE B 218 3.35 6.83 21.89
CA ILE B 218 2.54 5.63 22.08
C ILE B 218 1.30 5.60 21.16
N ALA B 219 0.92 6.78 20.66
CA ALA B 219 -0.24 6.89 19.78
C ALA B 219 0.07 6.52 18.34
N CYS B 220 1.35 6.32 18.04
CA CYS B 220 1.76 5.96 16.69
C CYS B 220 1.31 4.55 16.31
N PRO B 221 0.53 4.42 15.22
CA PRO B 221 0.08 3.08 14.81
C PRO B 221 1.33 2.23 14.58
N SER B 222 1.27 0.97 15.00
CA SER B 222 2.42 0.08 14.85
C SER B 222 2.96 -0.04 13.44
N ILE B 223 2.10 0.07 12.44
CA ILE B 223 2.54 -0.03 11.03
C ILE B 223 3.39 1.16 10.58
N LEU B 224 3.36 2.25 11.35
CA LEU B 224 4.12 3.44 11.05
C LEU B 224 5.29 3.65 12.03
N ASP B 225 5.36 2.80 13.05
CA ASP B 225 6.40 2.86 14.07
C ASP B 225 7.72 2.31 13.50
N TYR B 226 8.71 3.18 13.36
CA TYR B 226 10.00 2.80 12.80
C TYR B 226 10.68 1.66 13.56
N SER B 227 10.54 1.66 14.88
CA SER B 227 11.15 0.65 15.74
C SER B 227 10.56 -0.71 15.47
N ILE B 228 9.24 -0.76 15.38
CA ILE B 228 8.50 -2.00 15.11
C ILE B 228 8.80 -2.51 13.70
N LEU B 229 8.89 -1.61 12.72
CA LEU B 229 9.19 -1.99 11.35
C LEU B 229 10.61 -2.55 11.28
N ASN B 230 11.52 -1.87 11.97
CA ASN B 230 12.91 -2.29 12.01
C ASN B 230 13.05 -3.67 12.68
N ASP B 231 12.45 -3.83 13.86
CA ASP B 231 12.49 -5.09 14.60
C ASP B 231 11.97 -6.26 13.77
N ASN B 232 10.99 -6.00 12.93
CA ASN B 232 10.39 -7.05 12.12
C ASN B 232 10.80 -7.10 10.65
N GLY B 233 11.89 -6.40 10.31
CA GLY B 233 12.37 -6.39 8.92
C GLY B 233 11.34 -5.90 7.92
N SER B 234 10.60 -4.85 8.32
CA SER B 234 9.54 -4.25 7.50
C SER B 234 8.45 -5.25 7.18
N MET B 235 8.32 -6.26 8.04
CA MET B 235 7.32 -7.27 7.84
C MET B 235 6.51 -7.55 9.10
N PHE B 236 6.18 -6.47 9.80
CA PHE B 236 5.37 -6.53 11.01
C PHE B 236 4.01 -7.06 10.57
N ASN B 237 3.56 -6.60 9.40
CA ASN B 237 2.31 -7.06 8.81
C ASN B 237 2.59 -7.34 7.33
N THR B 238 1.60 -7.81 6.59
CA THR B 238 1.80 -8.11 5.17
C THR B 238 2.18 -6.84 4.40
N PRO B 239 3.37 -6.81 3.79
CA PRO B 239 3.77 -5.61 3.05
C PRO B 239 3.21 -5.65 1.61
N PRO B 240 3.32 -4.55 0.85
CA PRO B 240 2.82 -4.57 -0.53
C PRO B 240 3.90 -5.30 -1.34
N THR B 241 3.76 -6.62 -1.38
CA THR B 241 4.72 -7.51 -2.03
C THR B 241 5.05 -7.26 -3.50
N PHE B 242 4.04 -7.05 -4.33
CA PHE B 242 4.29 -6.81 -5.75
C PHE B 242 5.09 -5.52 -5.95
N ALA B 243 4.73 -4.48 -5.21
CA ALA B 243 5.41 -3.18 -5.28
C ALA B 243 6.86 -3.28 -4.83
N TRP B 244 7.10 -4.12 -3.82
CA TRP B 244 8.44 -4.33 -3.27
C TRP B 244 9.29 -5.09 -4.30
N TYR B 245 8.66 -6.05 -4.97
CA TYR B 245 9.33 -6.85 -5.99
C TYR B 245 9.67 -5.98 -7.21
N LEU B 246 8.73 -5.13 -7.63
CA LEU B 246 8.98 -4.25 -8.77
C LEU B 246 10.05 -3.23 -8.44
N SER B 247 10.06 -2.73 -7.22
CA SER B 247 11.09 -1.77 -6.82
C SER B 247 12.45 -2.46 -6.89
N GLY B 248 12.49 -3.75 -6.56
CA GLY B 248 13.73 -4.51 -6.62
C GLY B 248 14.26 -4.63 -8.04
N LEU B 249 13.36 -4.79 -9.01
CA LEU B 249 13.76 -4.88 -10.41
C LEU B 249 14.33 -3.55 -10.87
N VAL B 250 13.73 -2.46 -10.40
CA VAL B 250 14.18 -1.12 -10.75
C VAL B 250 15.61 -0.86 -10.22
N PHE B 251 15.89 -1.33 -9.01
CA PHE B 251 17.22 -1.14 -8.43
C PHE B 251 18.26 -1.92 -9.24
N LYS B 252 17.87 -3.08 -9.74
CA LYS B 252 18.77 -3.90 -10.56
C LYS B 252 18.98 -3.25 -11.91
N TRP B 253 17.91 -2.62 -12.41
CA TRP B 253 17.97 -1.92 -13.69
C TRP B 253 18.94 -0.74 -13.54
N LEU B 254 18.87 -0.03 -12.41
CA LEU B 254 19.77 1.09 -12.17
C LEU B 254 21.22 0.63 -12.11
N LYS B 255 21.47 -0.43 -11.34
CA LYS B 255 22.81 -0.98 -11.22
C LYS B 255 23.36 -1.39 -12.58
N ALA B 256 22.53 -2.07 -13.38
CA ALA B 256 22.94 -2.53 -14.71
C ALA B 256 23.31 -1.39 -15.66
N ASN B 257 22.73 -0.22 -15.42
CA ASN B 257 22.98 0.94 -16.26
C ASN B 257 23.96 1.97 -15.69
N GLY B 258 24.79 1.56 -14.74
CA GLY B 258 25.77 2.46 -14.17
C GLY B 258 25.49 3.14 -12.85
N GLY B 259 24.38 2.77 -12.20
CA GLY B 259 24.05 3.35 -10.92
C GLY B 259 23.64 4.81 -10.98
N VAL B 260 23.56 5.44 -9.80
CA VAL B 260 23.16 6.84 -9.64
C VAL B 260 24.08 7.87 -10.31
N ALA B 261 25.35 7.51 -10.52
CA ALA B 261 26.32 8.40 -11.16
C ALA B 261 25.98 8.60 -12.64
N GLU B 262 25.65 7.49 -13.30
CA GLU B 262 25.27 7.53 -14.71
C GLU B 262 23.90 8.16 -14.88
N MET B 263 22.99 7.86 -13.94
CA MET B 263 21.65 8.40 -13.96
C MET B 263 21.72 9.92 -13.88
N ASP B 264 22.59 10.43 -13.01
CA ASP B 264 22.79 11.85 -12.81
C ASP B 264 23.22 12.55 -14.12
N LYS B 265 24.12 11.94 -14.88
CA LYS B 265 24.59 12.50 -16.15
C LYS B 265 23.49 12.57 -17.19
N ILE B 266 22.72 11.49 -17.32
CA ILE B 266 21.64 11.44 -18.28
C ILE B 266 20.56 12.47 -17.92
N ASN B 267 20.32 12.62 -16.62
CA ASN B 267 19.31 13.57 -16.13
C ASN B 267 19.74 15.00 -16.38
N GLN B 268 21.06 15.20 -16.41
CA GLN B 268 21.62 16.52 -16.65
C GLN B 268 21.36 16.91 -18.10
N GLN B 269 21.59 15.97 -19.02
CA GLN B 269 21.37 16.22 -20.44
C GLN B 269 19.89 16.43 -20.75
N LYS B 270 19.05 15.60 -20.15
CA LYS B 270 17.61 15.70 -20.34
C LYS B 270 17.11 17.09 -19.96
N ALA B 271 17.51 17.55 -18.79
CA ALA B 271 17.10 18.85 -18.27
C ALA B 271 17.64 20.01 -19.08
N GLU B 272 18.91 19.94 -19.45
CA GLU B 272 19.54 20.99 -20.24
C GLU B 272 18.85 21.16 -21.60
N LEU B 273 18.52 20.04 -22.23
CA LEU B 273 17.85 20.04 -23.53
C LEU B 273 16.50 20.74 -23.46
N LEU B 274 15.72 20.40 -22.43
CA LEU B 274 14.39 20.96 -22.25
C LEU B 274 14.41 22.43 -21.85
N TYR B 275 15.14 22.77 -20.79
CA TYR B 275 15.21 24.16 -20.35
C TYR B 275 15.84 25.05 -21.42
N GLY B 276 16.69 24.48 -22.27
CA GLY B 276 17.32 25.23 -23.34
C GLY B 276 16.27 25.66 -24.33
N VAL B 277 15.40 24.72 -24.72
CA VAL B 277 14.33 25.01 -25.66
C VAL B 277 13.37 26.06 -25.11
N ILE B 278 13.03 25.95 -23.82
CA ILE B 278 12.12 26.88 -23.17
C ILE B 278 12.71 28.30 -23.08
N ASP B 279 13.96 28.37 -22.66
CA ASP B 279 14.65 29.65 -22.50
C ASP B 279 14.90 30.41 -23.80
N ASN B 280 15.14 29.67 -24.88
CA ASN B 280 15.41 30.28 -26.17
C ASN B 280 14.16 30.64 -26.95
N SER B 281 13.01 30.28 -26.41
CA SER B 281 11.74 30.56 -27.05
C SER B 281 11.01 31.76 -26.49
N ASP B 282 10.23 32.43 -27.35
CA ASP B 282 9.42 33.59 -26.93
C ASP B 282 8.05 33.02 -26.57
N PHE B 283 7.80 31.82 -27.05
CA PHE B 283 6.52 31.15 -26.86
C PHE B 283 6.34 30.39 -25.54
N TYR B 284 7.41 29.81 -25.01
CA TYR B 284 7.34 29.04 -23.77
C TYR B 284 8.13 29.77 -22.69
N ARG B 285 7.70 29.63 -21.44
CA ARG B 285 8.40 30.28 -20.33
C ARG B 285 8.36 29.50 -19.02
N ASN B 286 9.49 29.53 -18.31
CA ASN B 286 9.65 28.92 -17.00
C ASN B 286 10.18 30.05 -16.13
N ASP B 287 9.54 30.27 -14.98
CA ASP B 287 9.94 31.37 -14.11
C ASP B 287 10.69 30.96 -12.85
N VAL B 288 11.48 29.89 -12.93
CA VAL B 288 12.26 29.44 -11.78
C VAL B 288 13.73 29.77 -11.98
N ALA B 289 14.37 30.31 -10.93
CA ALA B 289 15.77 30.66 -10.97
C ALA B 289 16.61 29.43 -11.32
N LYS B 290 17.62 29.62 -12.16
CA LYS B 290 18.49 28.54 -12.62
C LYS B 290 19.01 27.64 -11.50
N ARG B 291 19.42 28.26 -10.41
CA ARG B 291 19.96 27.58 -9.25
C ARG B 291 18.97 26.63 -8.55
N ASN B 292 17.67 26.90 -8.72
CA ASN B 292 16.63 26.08 -8.11
C ASN B 292 15.74 25.33 -9.08
N ARG B 293 16.19 25.19 -10.33
CA ARG B 293 15.41 24.48 -11.32
C ARG B 293 15.49 22.98 -11.12
N SER B 294 14.33 22.35 -11.02
CA SER B 294 14.26 20.91 -10.84
C SER B 294 14.53 20.22 -12.17
N ARG B 295 15.28 19.13 -12.11
CA ARG B 295 15.60 18.34 -13.29
C ARG B 295 14.57 17.23 -13.47
N MET B 296 13.72 17.04 -12.47
CA MET B 296 12.70 15.99 -12.50
C MET B 296 11.36 16.53 -12.99
N ASN B 297 10.95 17.69 -12.47
CA ASN B 297 9.67 18.28 -12.85
C ASN B 297 9.88 19.64 -13.48
N VAL B 298 9.50 19.74 -14.74
CA VAL B 298 9.68 20.98 -15.48
C VAL B 298 8.38 21.68 -15.89
N PRO B 299 7.89 22.59 -15.05
CA PRO B 299 6.66 23.31 -15.37
C PRO B 299 6.98 24.47 -16.32
N PHE B 300 6.07 24.76 -17.24
CA PHE B 300 6.24 25.86 -18.17
C PHE B 300 4.90 26.36 -18.65
N GLN B 301 4.88 27.57 -19.20
CA GLN B 301 3.64 28.16 -19.66
C GLN B 301 3.76 28.71 -21.06
N LEU B 302 2.66 28.70 -21.78
CA LEU B 302 2.62 29.22 -23.13
C LEU B 302 2.38 30.72 -23.00
N ALA B 303 2.96 31.50 -23.91
CA ALA B 303 2.79 32.96 -23.89
C ALA B 303 1.33 33.30 -24.10
N ASP B 304 0.65 32.48 -24.90
CA ASP B 304 -0.76 32.65 -25.19
C ASP B 304 -1.51 31.43 -24.68
N SER B 305 -2.10 31.56 -23.48
CA SER B 305 -2.82 30.46 -22.85
C SER B 305 -4.06 29.98 -23.61
N ALA B 306 -4.50 30.75 -24.60
CA ALA B 306 -5.66 30.38 -25.40
C ALA B 306 -5.30 29.18 -26.29
N LEU B 307 -4.00 28.87 -26.36
CA LEU B 307 -3.54 27.75 -27.18
C LEU B 307 -3.30 26.49 -26.34
N ASP B 308 -3.52 26.59 -25.02
CA ASP B 308 -3.34 25.47 -24.12
C ASP B 308 -4.01 24.19 -24.62
N LYS B 309 -5.31 24.29 -24.84
CA LYS B 309 -6.10 23.15 -25.31
C LYS B 309 -5.54 22.53 -26.59
N LEU B 310 -5.14 23.37 -27.53
CA LEU B 310 -4.60 22.90 -28.80
C LEU B 310 -3.22 22.26 -28.60
N PHE B 311 -2.47 22.77 -27.62
CA PHE B 311 -1.16 22.23 -27.30
C PHE B 311 -1.32 20.81 -26.75
N LEU B 312 -2.34 20.63 -25.92
CA LEU B 312 -2.59 19.32 -25.31
C LEU B 312 -3.15 18.32 -26.31
N GLU B 313 -3.99 18.77 -27.23
CA GLU B 313 -4.57 17.87 -28.23
C GLU B 313 -3.51 17.37 -29.21
N GLU B 314 -2.71 18.29 -29.75
CA GLU B 314 -1.68 17.93 -30.70
C GLU B 314 -0.55 17.13 -30.05
N SER B 315 -0.15 17.52 -28.85
CA SER B 315 0.93 16.79 -28.15
C SER B 315 0.49 15.35 -27.89
N PHE B 316 -0.75 15.17 -27.47
CA PHE B 316 -1.26 13.83 -27.21
C PHE B 316 -1.27 13.01 -28.49
N ALA B 317 -1.69 13.64 -29.59
CA ALA B 317 -1.74 12.97 -30.90
C ALA B 317 -0.34 12.59 -31.40
N ALA B 318 0.69 13.29 -30.93
CA ALA B 318 2.07 13.00 -31.31
C ALA B 318 2.66 11.94 -30.36
N GLY B 319 1.81 11.38 -29.50
CA GLY B 319 2.27 10.38 -28.55
C GLY B 319 2.96 10.90 -27.30
N LEU B 320 2.68 12.16 -26.94
CA LEU B 320 3.27 12.77 -25.76
C LEU B 320 2.15 12.94 -24.73
N HIS B 321 2.10 12.05 -23.75
CA HIS B 321 1.05 12.06 -22.73
C HIS B 321 1.33 12.78 -21.42
N ALA B 322 0.25 13.17 -20.76
CA ALA B 322 0.28 13.83 -19.45
C ALA B 322 1.10 15.10 -19.32
N LEU B 323 0.95 16.00 -20.27
CA LEU B 323 1.70 17.27 -20.25
C LEU B 323 1.00 18.41 -19.53
N LYS B 324 -0.26 18.22 -19.16
CA LYS B 324 -0.99 19.26 -18.44
C LYS B 324 -0.44 19.49 -17.04
N GLY B 325 -0.35 20.76 -16.66
CA GLY B 325 0.18 21.13 -15.36
C GLY B 325 -0.77 20.78 -14.23
N HIS B 326 -0.29 20.93 -13.00
CA HIS B 326 -1.10 20.60 -11.85
C HIS B 326 -2.34 21.51 -11.80
N ARG B 327 -3.43 20.93 -11.30
CA ARG B 327 -4.72 21.56 -11.14
C ARG B 327 -4.68 22.95 -10.45
N VAL B 328 -3.78 23.12 -9.50
CA VAL B 328 -3.61 24.36 -8.74
C VAL B 328 -2.85 25.50 -9.44
N VAL B 329 -1.92 25.13 -10.32
CA VAL B 329 -1.06 26.10 -11.01
C VAL B 329 -1.37 26.32 -12.50
N GLY B 330 -2.10 25.39 -13.11
CA GLY B 330 -2.39 25.50 -14.52
C GLY B 330 -1.12 25.32 -15.35
N GLY B 331 -1.14 25.83 -16.57
CA GLY B 331 0.02 25.72 -17.44
C GLY B 331 0.34 24.29 -17.83
N MET B 332 1.58 24.05 -18.23
CA MET B 332 2.04 22.73 -18.63
C MET B 332 3.12 22.21 -17.68
N ARG B 333 3.39 20.92 -17.74
CA ARG B 333 4.44 20.30 -16.92
C ARG B 333 4.91 18.98 -17.49
N ALA B 334 6.22 18.87 -17.66
CA ALA B 334 6.83 17.65 -18.15
C ALA B 334 7.61 17.04 -17.00
N SER B 335 7.21 15.85 -16.56
CA SER B 335 7.95 15.17 -15.50
C SER B 335 8.87 14.20 -16.22
N ILE B 336 10.17 14.41 -16.06
CA ILE B 336 11.17 13.59 -16.72
C ILE B 336 12.05 12.80 -15.74
N TYR B 337 11.42 11.85 -15.06
CA TYR B 337 12.06 10.99 -14.08
C TYR B 337 13.13 10.07 -14.68
N ASN B 338 13.84 9.35 -13.81
CA ASN B 338 14.90 8.41 -14.23
C ASN B 338 14.52 7.50 -15.40
N ALA B 339 13.30 6.95 -15.36
CA ALA B 339 12.81 6.05 -16.40
C ALA B 339 12.66 6.69 -17.77
N MET B 340 12.48 8.01 -17.80
CA MET B 340 12.31 8.74 -19.05
C MET B 340 13.64 8.86 -19.79
N PRO B 341 13.73 8.24 -20.98
CA PRO B 341 14.96 8.28 -21.78
C PRO B 341 15.16 9.63 -22.48
N LEU B 342 16.40 9.93 -22.82
CA LEU B 342 16.74 11.18 -23.49
C LEU B 342 15.96 11.32 -24.80
N GLU B 343 15.70 10.18 -25.46
CA GLU B 343 14.97 10.17 -26.73
C GLU B 343 13.54 10.65 -26.52
N GLY B 344 13.05 10.48 -25.29
CA GLY B 344 11.70 10.91 -24.95
C GLY B 344 11.64 12.42 -24.77
N VAL B 345 12.67 12.97 -24.14
CA VAL B 345 12.76 14.40 -23.92
C VAL B 345 13.03 15.07 -25.27
N LYS B 346 13.73 14.38 -26.16
CA LYS B 346 14.01 14.95 -27.47
C LYS B 346 12.72 15.00 -28.29
N ALA B 347 11.91 13.95 -28.21
CA ALA B 347 10.64 13.90 -28.95
C ALA B 347 9.74 15.06 -28.53
N LEU B 348 9.76 15.37 -27.23
CA LEU B 348 8.96 16.45 -26.68
C LEU B 348 9.45 17.80 -27.20
N THR B 349 10.75 18.07 -27.05
CA THR B 349 11.32 19.34 -27.49
C THR B 349 11.15 19.55 -28.99
N ASP B 350 11.24 18.47 -29.77
CA ASP B 350 11.04 18.56 -31.22
C ASP B 350 9.62 19.05 -31.49
N PHE B 351 8.65 18.47 -30.77
CA PHE B 351 7.26 18.85 -30.91
C PHE B 351 7.03 20.31 -30.48
N MET B 352 7.70 20.72 -29.42
CA MET B 352 7.56 22.08 -28.92
C MET B 352 8.03 23.11 -29.94
N VAL B 353 9.15 22.81 -30.61
CA VAL B 353 9.69 23.70 -31.62
C VAL B 353 8.71 23.78 -32.81
N GLU B 354 8.25 22.62 -33.27
CA GLU B 354 7.31 22.55 -34.38
C GLU B 354 5.99 23.24 -34.06
N PHE B 355 5.49 23.11 -32.83
CA PHE B 355 4.24 23.74 -32.43
C PHE B 355 4.38 25.26 -32.41
N GLU B 356 5.51 25.76 -31.91
CA GLU B 356 5.77 27.20 -31.87
C GLU B 356 5.86 27.76 -33.29
N ARG B 357 6.44 26.97 -34.18
CA ARG B 357 6.60 27.35 -35.56
C ARG B 357 5.25 27.43 -36.29
N ARG B 358 4.31 26.53 -35.98
CA ARG B 358 3.00 26.52 -36.61
C ARG B 358 1.96 27.43 -35.99
N HIS B 359 2.08 27.73 -34.70
CA HIS B 359 1.07 28.56 -34.03
C HIS B 359 1.63 29.72 -33.22
N GLY B 360 2.96 29.77 -33.12
CA GLY B 360 3.60 30.83 -32.34
C GLY B 360 3.53 32.22 -32.93
#